data_1TMZ
#
_entry.id   1TMZ
#
_cell.length_a   1.000
_cell.length_b   1.000
_cell.length_c   1.000
_cell.angle_alpha   90.00
_cell.angle_beta   90.00
_cell.angle_gamma   90.00
#
_symmetry.space_group_name_H-M   'P 1'
#
_entity_poly.entity_id   1
_entity_poly.type   'polypeptide(L)'
_entity_poly.pdbx_seq_one_letter_code
;MDAIKKKMQMLKLDNYHLENEVARLKKLVGER
;
_entity_poly.pdbx_strand_id   A,B
#
# COMPACT_ATOMS: atom_id res chain seq x y z
N MET A 1 15.97 14.79 -5.64
CA MET A 1 14.64 15.02 -6.16
C MET A 1 14.41 14.13 -7.38
N ASP A 2 15.45 13.99 -8.23
CA ASP A 2 15.35 13.16 -9.43
C ASP A 2 14.87 11.76 -9.03
N ALA A 3 15.30 11.29 -7.84
CA ALA A 3 14.92 9.98 -7.35
C ALA A 3 13.62 10.10 -6.54
N ILE A 4 13.26 11.34 -6.16
CA ILE A 4 12.06 11.59 -5.39
C ILE A 4 10.84 11.49 -6.31
N LYS A 5 10.92 12.14 -7.49
CA LYS A 5 9.83 12.14 -8.45
C LYS A 5 9.44 10.69 -8.76
N LYS A 6 10.44 9.79 -8.78
CA LYS A 6 10.20 8.38 -9.07
C LYS A 6 9.84 7.66 -7.77
N LYS A 7 10.38 8.13 -6.63
CA LYS A 7 10.11 7.53 -5.34
C LYS A 7 8.60 7.43 -5.14
N MET A 8 7.88 8.55 -5.36
CA MET A 8 6.44 8.59 -5.20
C MET A 8 5.79 7.74 -6.29
N GLN A 9 6.48 7.60 -7.44
CA GLN A 9 5.98 6.81 -8.55
C GLN A 9 6.09 5.32 -8.21
N MET A 10 7.04 4.98 -7.33
CA MET A 10 7.26 3.60 -6.92
C MET A 10 6.31 3.25 -5.76
N LEU A 11 6.09 4.23 -4.86
CA LEU A 11 5.22 4.03 -3.71
C LEU A 11 3.76 4.12 -4.17
N LYS A 12 3.51 4.88 -5.25
CA LYS A 12 2.18 5.05 -5.79
C LYS A 12 1.79 3.80 -6.60
N LEU A 13 2.80 3.18 -7.23
CA LEU A 13 2.58 1.98 -8.04
C LEU A 13 2.33 0.79 -7.12
N ASP A 14 3.08 0.72 -6.00
CA ASP A 14 2.93 -0.37 -5.04
C ASP A 14 1.60 -0.22 -4.30
N ASN A 15 1.14 1.04 -4.12
CA ASN A 15 -0.10 1.31 -3.44
C ASN A 15 -1.26 0.69 -4.23
N TYR A 16 -1.29 0.95 -5.55
CA TYR A 16 -2.36 0.39 -6.36
C TYR A 16 -2.26 -1.13 -6.36
N HIS A 17 -1.03 -1.66 -6.35
CA HIS A 17 -0.81 -3.09 -6.35
C HIS A 17 -1.23 -3.68 -4.99
N LEU A 18 -1.03 -2.91 -3.92
CA LEU A 18 -1.38 -3.34 -2.58
C LEU A 18 -2.89 -3.23 -2.40
N GLU A 19 -3.46 -2.08 -2.80
CA GLU A 19 -4.90 -1.85 -2.68
C GLU A 19 -5.64 -2.86 -3.56
N ASN A 20 -5.05 -3.19 -4.72
CA ASN A 20 -5.65 -4.14 -5.64
C ASN A 20 -5.68 -5.53 -5.00
N GLU A 21 -4.71 -5.80 -4.10
CA GLU A 21 -4.62 -7.08 -3.42
C GLU A 21 -5.49 -7.05 -2.16
N VAL A 22 -5.54 -5.88 -1.49
CA VAL A 22 -6.32 -5.72 -0.28
C VAL A 22 -7.80 -5.59 -0.65
N ALA A 23 -8.08 -5.08 -1.87
CA ALA A 23 -9.44 -4.91 -2.34
C ALA A 23 -10.09 -6.28 -2.53
N ARG A 24 -9.27 -7.28 -2.88
CA ARG A 24 -9.76 -8.64 -3.09
C ARG A 24 -9.87 -9.35 -1.74
N LEU A 25 -8.85 -9.17 -0.89
CA LEU A 25 -8.83 -9.80 0.43
C LEU A 25 -9.94 -9.18 1.30
N LYS A 26 -10.08 -7.84 1.22
CA LYS A 26 -11.09 -7.14 1.99
C LYS A 26 -12.48 -7.64 1.58
N LYS A 27 -12.63 -8.05 0.32
CA LYS A 27 -13.90 -8.55 -0.19
C LYS A 27 -14.19 -9.90 0.45
N LEU A 28 -13.20 -10.47 1.16
CA LEU A 28 -13.35 -11.76 1.80
C LEU A 28 -13.36 -11.56 3.32
N VAL A 29 -12.59 -10.57 3.79
CA VAL A 29 -12.49 -10.28 5.21
C VAL A 29 -13.27 -8.99 5.52
N GLY A 30 -12.82 -7.87 4.93
CA GLY A 30 -13.46 -6.58 5.14
C GLY A 30 -14.86 -6.62 4.53
N GLU A 31 -15.32 -7.82 4.14
CA GLU A 31 -16.64 -7.99 3.55
C GLU A 31 -17.66 -7.16 4.34
N ARG A 32 -18.30 -6.20 3.66
CA ARG A 32 -19.29 -5.34 4.29
C ARG A 32 -20.21 -6.19 5.18
N MET B 1 7.53 20.65 -4.30
CA MET B 1 8.51 19.77 -3.69
C MET B 1 8.21 19.63 -2.20
N ASP B 2 7.85 20.74 -1.55
CA ASP B 2 7.54 20.74 -0.13
C ASP B 2 6.50 19.66 0.17
N ALA B 3 5.57 19.45 -0.78
CA ALA B 3 4.53 18.45 -0.63
C ALA B 3 5.02 17.12 -1.20
N ILE B 4 6.11 17.16 -1.99
CA ILE B 4 6.67 15.97 -2.59
C ILE B 4 7.44 15.18 -1.52
N LYS B 5 8.27 15.90 -0.74
CA LYS B 5 9.06 15.28 0.31
C LYS B 5 8.14 14.48 1.24
N LYS B 6 6.91 15.01 1.46
CA LYS B 6 5.95 14.36 2.33
C LYS B 6 5.12 13.37 1.51
N LYS B 7 4.98 13.64 0.20
CA LYS B 7 4.22 12.77 -0.69
C LYS B 7 4.79 11.35 -0.61
N MET B 8 6.11 11.22 -0.77
CA MET B 8 6.77 9.92 -0.71
C MET B 8 6.62 9.34 0.70
N GLN B 9 6.45 10.22 1.70
CA GLN B 9 6.30 9.80 3.08
C GLN B 9 4.86 9.35 3.32
N MET B 10 3.94 9.81 2.46
CA MET B 10 2.53 9.47 2.58
C MET B 10 2.30 8.08 1.98
N LEU B 11 2.93 7.80 0.83
CA LEU B 11 2.80 6.51 0.16
C LEU B 11 3.68 5.49 0.88
N LYS B 12 4.74 5.96 1.56
CA LYS B 12 5.66 5.08 2.28
C LYS B 12 4.99 4.63 3.58
N LEU B 13 4.17 5.51 4.17
CA LEU B 13 3.47 5.20 5.41
C LEU B 13 2.31 4.25 5.12
N ASP B 14 1.53 4.56 4.07
CA ASP B 14 0.40 3.74 3.69
C ASP B 14 0.87 2.34 3.33
N ASN B 15 2.08 2.25 2.74
CA ASN B 15 2.66 0.98 2.35
C ASN B 15 2.82 0.08 3.59
N TYR B 16 3.42 0.64 4.66
CA TYR B 16 3.60 -0.14 5.87
C TYR B 16 2.24 -0.58 6.39
N HIS B 17 1.24 0.31 6.32
CA HIS B 17 -0.10 0.02 6.80
C HIS B 17 -0.72 -1.06 5.92
N LEU B 18 -0.50 -0.96 4.59
CA LEU B 18 -1.04 -1.92 3.65
C LEU B 18 -0.38 -3.28 3.87
N GLU B 19 0.93 -3.28 4.20
CA GLU B 19 1.66 -4.50 4.44
C GLU B 19 1.14 -5.16 5.71
N ASN B 20 1.05 -4.38 6.80
CA ASN B 20 0.56 -4.89 8.08
C ASN B 20 -0.89 -5.35 7.92
N GLU B 21 -1.64 -4.66 7.05
CA GLU B 21 -3.05 -4.99 6.80
C GLU B 21 -3.11 -6.21 5.88
N VAL B 22 -2.11 -6.37 5.01
CA VAL B 22 -2.07 -7.49 4.08
C VAL B 22 -1.60 -8.73 4.81
N ALA B 23 -0.66 -8.56 5.77
CA ALA B 23 -0.13 -9.67 6.55
C ALA B 23 -1.22 -10.20 7.46
N ARG B 24 -2.24 -9.37 7.75
CA ARG B 24 -3.33 -9.76 8.62
C ARG B 24 -4.45 -10.37 7.76
N LEU B 25 -4.59 -9.91 6.51
CA LEU B 25 -5.61 -10.40 5.61
C LEU B 25 -5.15 -11.73 5.02
N LYS B 26 -3.85 -11.82 4.67
CA LYS B 26 -3.29 -13.03 4.09
C LYS B 26 -3.31 -14.15 5.14
N LYS B 27 -3.30 -13.77 6.42
CA LYS B 27 -3.32 -14.74 7.51
C LYS B 27 -4.77 -15.19 7.76
N LEU B 28 -5.73 -14.46 7.17
CA LEU B 28 -7.14 -14.79 7.33
C LEU B 28 -7.63 -15.49 6.06
N VAL B 29 -7.11 -15.08 4.90
CA VAL B 29 -7.51 -15.66 3.63
C VAL B 29 -6.36 -16.54 3.10
N GLY B 30 -5.20 -15.92 2.81
CA GLY B 30 -4.05 -16.64 2.32
C GLY B 30 -3.61 -17.69 3.35
N GLU B 31 -4.32 -17.73 4.50
CA GLU B 31 -4.01 -18.67 5.56
C GLU B 31 -3.70 -20.04 4.95
N ARG B 32 -2.68 -20.73 5.50
CA ARG B 32 -2.29 -22.03 5.01
C ARG B 32 -3.51 -22.96 5.00
N MET A 1 15.61 15.28 -5.56
CA MET A 1 14.25 15.26 -6.04
C MET A 1 14.15 14.30 -7.24
N ASP A 2 15.16 14.32 -8.10
CA ASP A 2 15.19 13.46 -9.27
C ASP A 2 14.86 12.02 -8.86
N ALA A 3 15.31 11.62 -7.66
CA ALA A 3 15.07 10.29 -7.16
C ALA A 3 13.78 10.29 -6.33
N ILE A 4 13.30 11.49 -5.95
CA ILE A 4 12.09 11.62 -5.17
C ILE A 4 10.88 11.46 -6.10
N LYS A 5 10.92 12.13 -7.26
CA LYS A 5 9.83 12.07 -8.22
C LYS A 5 9.52 10.60 -8.53
N LYS A 6 10.56 9.76 -8.57
CA LYS A 6 10.39 8.34 -8.85
C LYS A 6 10.09 7.60 -7.55
N LYS A 7 10.66 8.08 -6.44
CA LYS A 7 10.46 7.48 -5.14
C LYS A 7 8.95 7.28 -4.90
N MET A 8 8.15 8.31 -5.21
CA MET A 8 6.72 8.26 -5.04
C MET A 8 6.10 7.39 -6.14
N GLN A 9 6.83 7.24 -7.26
CA GLN A 9 6.36 6.45 -8.38
C GLN A 9 6.45 4.96 -8.02
N MET A 10 7.44 4.61 -7.17
CA MET A 10 7.63 3.23 -6.76
C MET A 10 6.61 2.88 -5.67
N LEU A 11 6.31 3.86 -4.79
CA LEU A 11 5.37 3.66 -3.70
C LEU A 11 3.94 3.75 -4.27
N LYS A 12 3.77 4.49 -5.38
CA LYS A 12 2.47 4.66 -6.00
C LYS A 12 2.10 3.37 -6.74
N LEU A 13 3.11 2.70 -7.33
CA LEU A 13 2.89 1.46 -8.06
C LEU A 13 2.58 0.35 -7.07
N ASP A 14 3.30 0.32 -5.94
CA ASP A 14 3.10 -0.69 -4.92
C ASP A 14 1.75 -0.48 -4.24
N ASN A 15 1.33 0.79 -4.14
CA ASN A 15 0.06 1.14 -3.52
C ASN A 15 -1.09 0.52 -4.33
N TYR A 16 -1.06 0.73 -5.66
CA TYR A 16 -2.13 0.19 -6.48
C TYR A 16 -2.11 -1.34 -6.37
N HIS A 17 -0.91 -1.93 -6.25
CA HIS A 17 -0.78 -3.37 -6.15
C HIS A 17 -1.26 -3.83 -4.77
N LEU A 18 -1.02 -3.00 -3.74
CA LEU A 18 -1.42 -3.31 -2.38
C LEU A 18 -2.92 -3.09 -2.24
N GLU A 19 -3.42 -1.95 -2.77
CA GLU A 19 -4.83 -1.62 -2.70
C GLU A 19 -5.63 -2.66 -3.49
N ASN A 20 -5.08 -3.13 -4.61
CA ASN A 20 -5.73 -4.12 -5.44
C ASN A 20 -5.80 -5.45 -4.69
N GLU A 21 -4.83 -5.68 -3.79
CA GLU A 21 -4.78 -6.91 -3.01
C GLU A 21 -5.67 -6.76 -1.77
N VAL A 22 -5.67 -5.56 -1.18
CA VAL A 22 -6.48 -5.28 0.00
C VAL A 22 -7.94 -5.08 -0.41
N ALA A 23 -8.15 -4.39 -1.54
CA ALA A 23 -9.49 -4.13 -2.05
C ALA A 23 -10.13 -5.45 -2.48
N ARG A 24 -9.29 -6.48 -2.73
CA ARG A 24 -9.78 -7.78 -3.14
C ARG A 24 -9.97 -8.67 -1.90
N LEU A 25 -9.17 -8.41 -0.86
CA LEU A 25 -9.25 -9.18 0.37
C LEU A 25 -10.36 -8.59 1.27
N LYS A 26 -10.52 -7.25 1.23
CA LYS A 26 -11.52 -6.58 2.02
C LYS A 26 -12.91 -7.12 1.65
N LYS A 27 -13.04 -7.65 0.42
CA LYS A 27 -14.29 -8.21 -0.05
C LYS A 27 -14.49 -9.61 0.53
N LEU A 28 -13.39 -10.18 1.07
CA LEU A 28 -13.44 -11.51 1.65
C LEU A 28 -13.39 -11.40 3.18
N VAL A 29 -12.64 -10.40 3.69
CA VAL A 29 -12.51 -10.18 5.12
C VAL A 29 -13.27 -8.92 5.51
N GLY A 30 -12.87 -7.77 4.93
CA GLY A 30 -13.52 -6.51 5.23
C GLY A 30 -15.01 -6.60 4.88
N GLU A 31 -15.43 -7.77 4.35
CA GLU A 31 -16.81 -7.99 3.98
C GLU A 31 -17.72 -7.45 5.09
N ARG A 32 -18.98 -7.14 4.74
CA ARG A 32 -19.95 -6.62 5.69
C ARG A 32 -21.09 -7.64 5.86
N MET B 1 6.61 20.28 -4.76
CA MET B 1 7.75 19.66 -4.10
C MET B 1 7.48 19.56 -2.61
N ASP B 2 6.95 20.66 -2.01
CA ASP B 2 6.64 20.69 -0.60
C ASP B 2 5.73 19.51 -0.25
N ALA B 3 4.84 19.15 -1.18
CA ALA B 3 3.91 18.05 -0.98
C ALA B 3 4.55 16.75 -1.47
N ILE B 4 5.63 16.87 -2.27
CA ILE B 4 6.33 15.73 -2.80
C ILE B 4 7.14 15.06 -1.69
N LYS B 5 7.88 15.87 -0.91
CA LYS B 5 8.70 15.37 0.17
C LYS B 5 7.81 14.57 1.13
N LYS B 6 6.55 14.98 1.27
CA LYS B 6 5.61 14.30 2.15
C LYS B 6 4.89 13.20 1.37
N LYS B 7 4.77 13.37 0.05
CA LYS B 7 4.11 12.40 -0.80
C LYS B 7 4.78 11.03 -0.61
N MET B 8 6.12 10.99 -0.70
CA MET B 8 6.86 9.76 -0.54
C MET B 8 6.69 9.25 0.90
N GLN B 9 6.44 10.18 1.84
CA GLN B 9 6.26 9.83 3.24
C GLN B 9 4.84 9.30 3.45
N MET B 10 3.91 9.70 2.55
CA MET B 10 2.53 9.27 2.64
C MET B 10 2.38 7.89 1.99
N LEU B 11 3.08 7.69 0.85
CA LEU B 11 3.03 6.42 0.13
C LEU B 11 3.89 5.39 0.87
N LYS B 12 4.92 5.86 1.60
CA LYS B 12 5.80 4.99 2.34
C LYS B 12 5.11 4.56 3.65
N LEU B 13 4.29 5.44 4.21
CA LEU B 13 3.57 5.16 5.44
C LEU B 13 2.40 4.23 5.14
N ASP B 14 1.66 4.52 4.06
CA ASP B 14 0.52 3.72 3.67
C ASP B 14 1.00 2.31 3.32
N ASN B 15 2.20 2.20 2.74
CA ASN B 15 2.77 0.91 2.36
C ASN B 15 2.93 0.05 3.61
N TYR B 16 3.55 0.62 4.67
CA TYR B 16 3.74 -0.15 5.88
C TYR B 16 2.37 -0.60 6.42
N HIS B 17 1.37 0.28 6.32
CA HIS B 17 0.03 -0.04 6.81
C HIS B 17 -0.59 -1.10 5.91
N LEU B 18 -0.40 -0.97 4.59
CA LEU B 18 -0.94 -1.92 3.62
C LEU B 18 -0.27 -3.27 3.82
N GLU B 19 1.04 -3.27 4.12
CA GLU B 19 1.79 -4.49 4.34
C GLU B 19 1.29 -5.17 5.61
N ASN B 20 1.24 -4.41 6.73
CA ASN B 20 0.78 -4.95 8.00
C ASN B 20 -0.68 -5.39 7.86
N GLU B 21 -1.44 -4.70 7.01
CA GLU B 21 -2.84 -5.02 6.79
C GLU B 21 -2.94 -6.23 5.85
N VAL B 22 -1.97 -6.36 4.94
CA VAL B 22 -1.95 -7.46 3.99
C VAL B 22 -1.44 -8.72 4.69
N ALA B 23 -0.47 -8.55 5.60
CA ALA B 23 0.11 -9.67 6.34
C ALA B 23 -0.94 -10.22 7.32
N ARG B 24 -1.96 -9.41 7.63
CA ARG B 24 -3.01 -9.81 8.54
C ARG B 24 -4.17 -10.41 7.74
N LEU B 25 -4.39 -9.89 6.52
CA LEU B 25 -5.46 -10.37 5.66
C LEU B 25 -5.03 -11.68 5.00
N LYS B 26 -3.76 -11.76 4.58
CA LYS B 26 -3.23 -12.96 3.94
C LYS B 26 -3.28 -14.12 4.93
N LYS B 27 -3.25 -13.81 6.24
CA LYS B 27 -3.32 -14.82 7.28
C LYS B 27 -4.76 -15.24 7.51
N LEU B 28 -5.71 -14.49 6.92
CA LEU B 28 -7.13 -14.78 7.05
C LEU B 28 -7.64 -15.39 5.76
N VAL B 29 -7.09 -14.94 4.61
CA VAL B 29 -7.50 -15.44 3.31
C VAL B 29 -6.37 -16.29 2.71
N GLY B 30 -5.22 -15.65 2.44
CA GLY B 30 -4.07 -16.33 1.88
C GLY B 30 -3.71 -17.52 2.76
N GLU B 31 -4.36 -17.62 3.95
CA GLU B 31 -4.11 -18.70 4.87
C GLU B 31 -4.46 -20.04 4.20
N ARG B 32 -3.44 -20.86 3.92
CA ARG B 32 -3.64 -22.15 3.28
C ARG B 32 -4.82 -22.86 3.95
N MET A 1 15.60 15.37 -6.33
CA MET A 1 14.21 15.40 -6.75
C MET A 1 14.02 14.47 -7.94
N ASP A 2 15.01 14.45 -8.85
CA ASP A 2 14.95 13.60 -10.03
C ASP A 2 14.60 12.17 -9.62
N ALA A 3 15.17 11.73 -8.47
CA ALA A 3 14.92 10.39 -7.97
C ALA A 3 13.67 10.41 -7.07
N ILE A 4 13.24 11.62 -6.66
CA ILE A 4 12.08 11.78 -5.81
C ILE A 4 10.81 11.61 -6.66
N LYS A 5 10.78 12.27 -7.82
CA LYS A 5 9.63 12.20 -8.72
C LYS A 5 9.29 10.73 -8.98
N LYS A 6 10.32 9.87 -9.07
CA LYS A 6 10.13 8.46 -9.32
C LYS A 6 9.90 7.74 -7.99
N LYS A 7 10.52 8.25 -6.91
CA LYS A 7 10.38 7.66 -5.60
C LYS A 7 8.90 7.54 -5.25
N MET A 8 8.15 8.64 -5.44
CA MET A 8 6.72 8.65 -5.14
C MET A 8 5.99 7.77 -6.16
N GLN A 9 6.59 7.59 -7.34
CA GLN A 9 6.00 6.78 -8.39
C GLN A 9 6.12 5.30 -8.02
N MET A 10 7.15 4.97 -7.21
CA MET A 10 7.37 3.60 -6.79
C MET A 10 6.43 3.26 -5.64
N LEU A 11 6.21 4.23 -4.73
CA LEU A 11 5.32 4.03 -3.60
C LEU A 11 3.87 4.14 -4.07
N LYS A 12 3.64 4.90 -5.16
CA LYS A 12 2.30 5.08 -5.71
C LYS A 12 1.89 3.82 -6.45
N LEU A 13 2.87 3.12 -7.05
CA LEU A 13 2.60 1.91 -7.80
C LEU A 13 2.33 0.76 -6.82
N ASP A 14 3.11 0.71 -5.73
CA ASP A 14 2.97 -0.33 -4.72
C ASP A 14 1.61 -0.17 -4.03
N ASN A 15 1.15 1.10 -3.89
CA ASN A 15 -0.11 1.38 -3.24
C ASN A 15 -1.25 0.76 -4.05
N TYR A 16 -1.24 0.98 -5.38
CA TYR A 16 -2.29 0.42 -6.21
C TYR A 16 -2.24 -1.10 -6.12
N HIS A 17 -1.03 -1.67 -6.05
CA HIS A 17 -0.85 -3.11 -5.98
C HIS A 17 -1.30 -3.60 -4.60
N LEU A 18 -1.08 -2.78 -3.56
CA LEU A 18 -1.47 -3.13 -2.20
C LEU A 18 -2.98 -2.96 -2.04
N GLU A 19 -3.52 -1.85 -2.57
CA GLU A 19 -4.94 -1.56 -2.48
C GLU A 19 -5.71 -2.60 -3.31
N ASN A 20 -5.12 -3.00 -4.46
CA ASN A 20 -5.75 -3.97 -5.33
C ASN A 20 -5.78 -5.34 -4.64
N GLU A 21 -4.80 -5.58 -3.74
CA GLU A 21 -4.73 -6.83 -3.01
C GLU A 21 -5.66 -6.77 -1.80
N VAL A 22 -5.72 -5.60 -1.15
CA VAL A 22 -6.57 -5.40 0.02
C VAL A 22 -8.03 -5.25 -0.43
N ALA A 23 -8.24 -4.53 -1.55
CA ALA A 23 -9.57 -4.31 -2.07
C ALA A 23 -10.15 -5.65 -2.55
N ARG A 24 -9.27 -6.63 -2.81
CA ARG A 24 -9.69 -7.94 -3.27
C ARG A 24 -9.89 -8.87 -2.07
N LEU A 25 -9.13 -8.62 -0.99
CA LEU A 25 -9.21 -9.41 0.21
C LEU A 25 -10.36 -8.90 1.08
N LYS A 26 -10.58 -7.57 1.07
CA LYS A 26 -11.64 -6.95 1.85
C LYS A 26 -12.98 -7.56 1.43
N LYS A 27 -13.07 -8.04 0.18
CA LYS A 27 -14.29 -8.64 -0.33
C LYS A 27 -14.42 -10.07 0.21
N LEU A 28 -13.32 -10.60 0.78
CA LEU A 28 -13.31 -11.94 1.33
C LEU A 28 -13.30 -11.86 2.87
N VAL A 29 -12.63 -10.83 3.40
CA VAL A 29 -12.53 -10.63 4.84
C VAL A 29 -13.35 -9.40 5.23
N GLY A 30 -13.02 -8.24 4.64
CA GLY A 30 -13.73 -7.00 4.94
C GLY A 30 -15.19 -7.15 4.54
N GLU A 31 -15.58 -8.35 4.07
CA GLU A 31 -16.94 -8.61 3.67
C GLU A 31 -17.90 -8.01 4.70
N ARG A 32 -19.15 -7.74 4.27
CA ARG A 32 -20.16 -7.17 5.14
C ARG A 32 -21.31 -8.17 5.33
N MET B 1 7.42 20.45 -4.29
CA MET B 1 8.49 19.66 -3.72
C MET B 1 8.26 19.50 -2.21
N ASP B 2 7.88 20.59 -1.55
CA ASP B 2 7.62 20.57 -0.11
C ASP B 2 6.62 19.46 0.20
N ALA B 3 5.65 19.25 -0.71
CA ALA B 3 4.63 18.23 -0.53
C ALA B 3 5.12 16.92 -1.14
N ILE B 4 6.18 16.99 -1.95
CA ILE B 4 6.74 15.80 -2.59
C ILE B 4 7.55 15.02 -1.56
N LYS B 5 8.41 15.73 -0.79
CA LYS B 5 9.23 15.09 0.22
C LYS B 5 8.34 14.30 1.18
N LYS B 6 7.11 14.79 1.42
CA LYS B 6 6.16 14.13 2.31
C LYS B 6 5.34 13.13 1.51
N LYS B 7 5.18 13.39 0.19
CA LYS B 7 4.41 12.51 -0.68
C LYS B 7 5.00 11.09 -0.62
N MET B 8 6.33 10.98 -0.76
CA MET B 8 7.00 9.70 -0.72
C MET B 8 6.90 9.12 0.70
N GLN B 9 6.69 10.00 1.70
CA GLN B 9 6.57 9.58 3.09
C GLN B 9 5.12 9.17 3.36
N MET B 10 4.19 9.68 2.54
CA MET B 10 2.77 9.37 2.70
C MET B 10 2.48 8.01 2.09
N LEU B 11 3.14 7.71 0.96
CA LEU B 11 2.96 6.43 0.27
C LEU B 11 3.71 5.33 1.02
N LYS B 12 4.79 5.72 1.73
CA LYS B 12 5.58 4.77 2.49
C LYS B 12 4.87 4.43 3.80
N LEU B 13 4.24 5.45 4.43
CA LEU B 13 3.52 5.25 5.67
C LEU B 13 2.32 4.34 5.42
N ASP B 14 1.62 4.57 4.30
CA ASP B 14 0.45 3.78 3.95
C ASP B 14 0.89 2.34 3.63
N ASN B 15 2.11 2.19 3.09
CA ASN B 15 2.64 0.90 2.74
C ASN B 15 2.75 0.03 4.00
N TYR B 16 3.35 0.59 5.06
CA TYR B 16 3.48 -0.17 6.29
C TYR B 16 2.10 -0.64 6.75
N HIS B 17 1.10 0.26 6.68
CA HIS B 17 -0.26 -0.07 7.09
C HIS B 17 -0.85 -1.11 6.14
N LEU B 18 -0.62 -0.92 4.83
CA LEU B 18 -1.12 -1.85 3.82
C LEU B 18 -0.47 -3.22 4.02
N GLU B 19 0.82 -3.23 4.40
CA GLU B 19 1.56 -4.45 4.63
C GLU B 19 1.00 -5.16 5.86
N ASN B 20 0.94 -4.45 7.00
CA ASN B 20 0.43 -5.00 8.24
C ASN B 20 -1.01 -5.46 8.03
N GLU B 21 -1.74 -4.76 7.15
CA GLU B 21 -3.13 -5.10 6.86
C GLU B 21 -3.17 -6.28 5.89
N VAL B 22 -2.17 -6.37 5.01
CA VAL B 22 -2.08 -7.44 4.03
C VAL B 22 -1.57 -8.71 4.73
N ALA B 23 -0.61 -8.54 5.66
CA ALA B 23 -0.03 -9.66 6.38
C ALA B 23 -1.09 -10.25 7.32
N ARG B 24 -2.12 -9.45 7.64
CA ARG B 24 -3.19 -9.88 8.53
C ARG B 24 -4.31 -10.51 7.70
N LEU B 25 -4.50 -10.00 6.47
CA LEU B 25 -5.53 -10.51 5.58
C LEU B 25 -5.03 -11.79 4.92
N LYS B 26 -3.75 -11.82 4.52
CA LYS B 26 -3.16 -12.98 3.89
C LYS B 26 -3.20 -14.17 4.86
N LYS B 27 -3.18 -13.86 6.17
CA LYS B 27 -3.21 -14.89 7.19
C LYS B 27 -4.65 -15.39 7.37
N LEU B 28 -5.62 -14.66 6.79
CA LEU B 28 -7.02 -15.02 6.89
C LEU B 28 -7.47 -15.64 5.56
N VAL B 29 -6.92 -15.14 4.44
CA VAL B 29 -7.27 -15.63 3.13
C VAL B 29 -6.09 -16.42 2.55
N GLY B 30 -4.96 -15.72 2.33
CA GLY B 30 -3.76 -16.35 1.80
C GLY B 30 -3.39 -17.55 2.66
N GLU B 31 -4.07 -17.70 3.81
CA GLU B 31 -3.80 -18.81 4.72
C GLU B 31 -4.09 -20.13 4.01
N ARG B 32 -3.56 -21.24 4.55
CA ARG B 32 -3.76 -22.55 3.98
C ARG B 32 -4.55 -23.42 4.96
N MET A 1 15.84 14.97 -5.95
CA MET A 1 14.45 15.09 -6.36
C MET A 1 14.19 14.18 -7.56
N ASP A 2 15.17 14.12 -8.49
CA ASP A 2 15.05 13.30 -9.68
C ASP A 2 14.67 11.88 -9.27
N ALA A 3 15.19 11.42 -8.11
CA ALA A 3 14.90 10.09 -7.61
C ALA A 3 13.67 10.14 -6.70
N ILE A 4 13.28 11.36 -6.29
CA ILE A 4 12.13 11.54 -5.41
C ILE A 4 10.85 11.44 -6.24
N LYS A 5 10.84 12.12 -7.42
CA LYS A 5 9.67 12.11 -8.30
C LYS A 5 9.28 10.66 -8.58
N LYS A 6 10.28 9.77 -8.70
CA LYS A 6 10.04 8.36 -8.98
C LYS A 6 9.77 7.63 -7.66
N LYS A 7 10.41 8.10 -6.57
CA LYS A 7 10.24 7.50 -5.27
C LYS A 7 8.75 7.34 -4.95
N MET A 8 7.96 8.39 -5.26
CA MET A 8 6.53 8.37 -5.02
C MET A 8 5.85 7.52 -6.09
N GLN A 9 6.51 7.36 -7.25
CA GLN A 9 5.98 6.57 -8.35
C GLN A 9 6.05 5.09 -7.99
N MET A 10 7.07 4.71 -7.17
CA MET A 10 7.24 3.33 -6.76
C MET A 10 6.28 3.01 -5.63
N LEU A 11 6.05 3.99 -4.73
CA LEU A 11 5.14 3.82 -3.61
C LEU A 11 3.70 3.92 -4.10
N LYS A 12 3.49 4.66 -5.20
CA LYS A 12 2.16 4.84 -5.77
C LYS A 12 1.74 3.56 -6.49
N LEU A 13 2.72 2.90 -7.15
CA LEU A 13 2.44 1.67 -7.88
C LEU A 13 2.20 0.53 -6.89
N ASP A 14 3.01 0.49 -5.80
CA ASP A 14 2.89 -0.54 -4.79
C ASP A 14 1.56 -0.37 -4.05
N ASN A 15 1.10 0.89 -3.93
CA ASN A 15 -0.15 1.19 -3.25
C ASN A 15 -1.31 0.58 -4.04
N TYR A 16 -1.34 0.80 -5.36
CA TYR A 16 -2.41 0.24 -6.16
C TYR A 16 -2.33 -1.28 -6.13
N HIS A 17 -1.10 -1.83 -6.12
CA HIS A 17 -0.90 -3.27 -6.11
C HIS A 17 -1.37 -3.83 -4.76
N LEU A 18 -1.19 -3.04 -3.68
CA LEU A 18 -1.59 -3.45 -2.35
C LEU A 18 -3.11 -3.31 -2.22
N GLU A 19 -3.66 -2.17 -2.69
CA GLU A 19 -5.08 -1.91 -2.63
C GLU A 19 -5.82 -2.87 -3.57
N ASN A 20 -5.17 -3.21 -4.70
CA ASN A 20 -5.76 -4.10 -5.68
C ASN A 20 -5.87 -5.50 -5.07
N GLU A 21 -4.89 -5.88 -4.24
CA GLU A 21 -4.88 -7.18 -3.60
C GLU A 21 -5.82 -7.16 -2.39
N VAL A 22 -5.73 -6.08 -1.58
CA VAL A 22 -6.57 -5.95 -0.40
C VAL A 22 -8.03 -5.84 -0.82
N ALA A 23 -8.27 -5.23 -2.00
CA ALA A 23 -9.62 -5.06 -2.52
C ALA A 23 -10.28 -6.43 -2.67
N ARG A 24 -9.45 -7.49 -2.75
CA ARG A 24 -9.95 -8.85 -2.91
C ARG A 24 -10.13 -9.48 -1.52
N LEU A 25 -9.18 -9.20 -0.61
CA LEU A 25 -9.24 -9.75 0.74
C LEU A 25 -10.33 -9.03 1.53
N LYS A 26 -10.43 -7.70 1.34
CA LYS A 26 -11.43 -6.90 2.03
C LYS A 26 -12.82 -7.41 1.68
N LYS A 27 -12.94 -8.07 0.50
CA LYS A 27 -14.21 -8.60 0.05
C LYS A 27 -14.46 -9.96 0.72
N LEU A 28 -13.40 -10.55 1.31
CA LEU A 28 -13.50 -11.83 1.99
C LEU A 28 -13.42 -11.60 3.50
N VAL A 29 -12.63 -10.61 3.92
CA VAL A 29 -12.46 -10.29 5.33
C VAL A 29 -13.23 -9.02 5.65
N GLY A 30 -12.87 -7.91 4.98
CA GLY A 30 -13.52 -6.63 5.19
C GLY A 30 -15.01 -6.75 4.84
N GLU A 31 -15.42 -7.94 4.39
CA GLU A 31 -16.80 -8.19 4.01
C GLU A 31 -17.72 -7.56 5.07
N ARG A 32 -18.76 -6.85 4.60
CA ARG A 32 -19.71 -6.20 5.51
C ARG A 32 -20.09 -7.18 6.61
N MET B 1 7.93 20.33 -4.41
CA MET B 1 8.94 19.56 -3.69
C MET B 1 8.55 19.49 -2.21
N ASP B 2 8.12 20.64 -1.65
CA ASP B 2 7.73 20.71 -0.25
C ASP B 2 6.68 19.64 0.03
N ALA B 3 5.72 19.47 -0.89
CA ALA B 3 4.68 18.48 -0.75
C ALA B 3 5.21 17.10 -1.19
N ILE B 4 6.31 17.11 -1.94
CA ILE B 4 6.91 15.87 -2.42
C ILE B 4 7.60 15.16 -1.26
N LYS B 5 8.39 15.91 -0.46
CA LYS B 5 9.10 15.36 0.67
C LYS B 5 8.12 14.62 1.58
N LYS B 6 6.87 15.13 1.66
CA LYS B 6 5.84 14.53 2.48
C LYS B 6 5.06 13.50 1.65
N LYS B 7 5.02 13.71 0.32
CA LYS B 7 4.32 12.82 -0.58
C LYS B 7 4.86 11.40 -0.39
N MET B 8 6.20 11.25 -0.44
CA MET B 8 6.83 9.95 -0.29
C MET B 8 6.61 9.45 1.15
N GLN B 9 6.37 10.38 2.07
CA GLN B 9 6.15 10.04 3.48
C GLN B 9 4.71 9.54 3.64
N MET B 10 3.83 9.94 2.72
CA MET B 10 2.43 9.53 2.76
C MET B 10 2.28 8.17 2.09
N LEU B 11 3.02 7.95 0.99
CA LEU B 11 2.96 6.70 0.25
C LEU B 11 3.76 5.63 1.01
N LYS B 12 4.78 6.07 1.77
CA LYS B 12 5.61 5.16 2.54
C LYS B 12 4.86 4.73 3.80
N LEU B 13 4.03 5.63 4.35
CA LEU B 13 3.26 5.35 5.55
C LEU B 13 2.09 4.43 5.18
N ASP B 14 1.42 4.71 4.07
CA ASP B 14 0.29 3.92 3.61
C ASP B 14 0.78 2.51 3.25
N ASN B 15 2.02 2.42 2.75
CA ASN B 15 2.62 1.16 2.36
C ASN B 15 2.80 0.28 3.59
N TYR B 16 3.41 0.85 4.65
CA TYR B 16 3.63 0.07 5.86
C TYR B 16 2.28 -0.40 6.39
N HIS B 17 1.23 0.43 6.23
CA HIS B 17 -0.09 0.09 6.72
C HIS B 17 -0.72 -0.95 5.78
N LEU B 18 -0.45 -0.82 4.47
CA LEU B 18 -0.98 -1.74 3.48
C LEU B 18 -0.30 -3.10 3.63
N GLU B 19 1.01 -3.08 3.92
CA GLU B 19 1.79 -4.30 4.09
C GLU B 19 1.32 -5.02 5.36
N ASN B 20 1.24 -4.28 6.47
CA ASN B 20 0.82 -4.84 7.74
C ASN B 20 -0.64 -5.30 7.62
N GLU B 21 -1.42 -4.63 6.77
CA GLU B 21 -2.82 -4.97 6.56
C GLU B 21 -2.91 -6.15 5.60
N VAL B 22 -1.97 -6.23 4.65
CA VAL B 22 -1.94 -7.31 3.68
C VAL B 22 -1.40 -8.58 4.33
N ALA B 23 -0.38 -8.42 5.20
CA ALA B 23 0.23 -9.55 5.90
C ALA B 23 -0.76 -10.10 6.93
N ARG B 24 -1.73 -9.26 7.35
CA ARG B 24 -2.73 -9.67 8.31
C ARG B 24 -3.94 -10.24 7.59
N LEU B 25 -4.16 -9.79 6.34
CA LEU B 25 -5.28 -10.27 5.53
C LEU B 25 -4.89 -11.56 4.82
N LYS B 26 -3.64 -11.60 4.30
CA LYS B 26 -3.15 -12.78 3.60
C LYS B 26 -3.11 -13.97 4.56
N LYS B 27 -3.00 -13.68 5.87
CA LYS B 27 -2.97 -14.72 6.88
C LYS B 27 -4.39 -15.16 7.22
N LEU B 28 -5.38 -14.37 6.76
CA LEU B 28 -6.78 -14.68 7.01
C LEU B 28 -7.39 -15.34 5.77
N VAL B 29 -6.94 -14.91 4.58
CA VAL B 29 -7.43 -15.45 3.32
C VAL B 29 -6.39 -16.38 2.73
N GLY B 30 -5.24 -15.81 2.33
CA GLY B 30 -4.16 -16.60 1.75
C GLY B 30 -3.61 -17.56 2.79
N GLU B 31 -4.20 -17.55 4.00
CA GLU B 31 -3.78 -18.41 5.08
C GLU B 31 -3.52 -19.82 4.53
N ARG B 32 -2.35 -20.40 4.86
CA ARG B 32 -1.99 -21.72 4.40
C ARG B 32 -3.19 -22.66 4.55
N MET A 1 15.66 15.11 -6.23
CA MET A 1 14.26 15.21 -6.65
C MET A 1 14.01 14.26 -7.82
N ASP A 2 14.98 14.20 -8.76
CA ASP A 2 14.86 13.34 -9.92
C ASP A 2 14.53 11.91 -9.47
N ALA A 3 15.08 11.51 -8.31
CA ALA A 3 14.85 10.18 -7.77
C ALA A 3 13.63 10.22 -6.84
N ILE A 4 13.20 11.44 -6.47
CA ILE A 4 12.06 11.61 -5.59
C ILE A 4 10.77 11.45 -6.41
N LYS A 5 10.72 12.09 -7.58
CA LYS A 5 9.55 12.03 -8.45
C LYS A 5 9.20 10.55 -8.70
N LYS A 6 10.24 9.70 -8.81
CA LYS A 6 10.04 8.28 -9.05
C LYS A 6 9.84 7.56 -7.72
N LYS A 7 10.47 8.08 -6.65
CA LYS A 7 10.37 7.48 -5.32
C LYS A 7 8.89 7.31 -4.97
N MET A 8 8.07 8.34 -5.27
CA MET A 8 6.65 8.28 -4.98
C MET A 8 5.95 7.42 -6.03
N GLN A 9 6.60 7.25 -7.19
CA GLN A 9 6.05 6.45 -8.27
C GLN A 9 6.16 4.96 -7.89
N MET A 10 7.17 4.61 -7.08
CA MET A 10 7.38 3.24 -6.66
C MET A 10 6.42 2.91 -5.51
N LEU A 11 6.24 3.88 -4.59
CA LEU A 11 5.35 3.70 -3.45
C LEU A 11 3.91 3.85 -3.90
N LYS A 12 3.69 4.62 -4.98
CA LYS A 12 2.36 4.85 -5.52
C LYS A 12 1.91 3.62 -6.32
N LEU A 13 2.87 2.95 -6.96
CA LEU A 13 2.58 1.78 -7.77
C LEU A 13 2.28 0.60 -6.84
N ASP A 14 3.06 0.47 -5.74
CA ASP A 14 2.88 -0.60 -4.78
C ASP A 14 1.54 -0.40 -4.06
N ASN A 15 1.12 0.86 -3.90
CA ASN A 15 -0.14 1.18 -3.24
C ASN A 15 -1.30 0.61 -4.04
N TYR A 16 -1.30 0.87 -5.36
CA TYR A 16 -2.39 0.38 -6.20
C TYR A 16 -2.39 -1.16 -6.14
N HIS A 17 -1.20 -1.76 -6.10
CA HIS A 17 -1.07 -3.22 -6.06
C HIS A 17 -1.57 -3.72 -4.70
N LEU A 18 -1.36 -2.92 -3.65
CA LEU A 18 -1.78 -3.28 -2.30
C LEU A 18 -3.29 -3.09 -2.18
N GLU A 19 -3.79 -1.96 -2.69
CA GLU A 19 -5.22 -1.65 -2.64
C GLU A 19 -5.98 -2.60 -3.57
N ASN A 20 -5.34 -2.98 -4.69
CA ASN A 20 -5.95 -3.87 -5.66
C ASN A 20 -6.10 -5.26 -5.03
N GLU A 21 -5.14 -5.65 -4.17
CA GLU A 21 -5.16 -6.93 -3.51
C GLU A 21 -6.11 -6.88 -2.32
N VAL A 22 -6.01 -5.81 -1.52
CA VAL A 22 -6.86 -5.63 -0.35
C VAL A 22 -8.32 -5.60 -0.78
N ALA A 23 -8.58 -5.07 -1.99
CA ALA A 23 -9.93 -4.99 -2.53
C ALA A 23 -10.49 -6.40 -2.70
N ARG A 24 -9.60 -7.39 -2.79
CA ARG A 24 -10.01 -8.78 -2.95
C ARG A 24 -10.17 -9.43 -1.58
N LEU A 25 -9.24 -9.13 -0.66
CA LEU A 25 -9.27 -9.67 0.68
C LEU A 25 -10.45 -9.07 1.45
N LYS A 26 -10.70 -7.76 1.22
CA LYS A 26 -11.79 -7.07 1.88
C LYS A 26 -13.12 -7.76 1.53
N LYS A 27 -13.14 -8.49 0.40
CA LYS A 27 -14.33 -9.18 -0.04
C LYS A 27 -14.48 -10.48 0.75
N LEU A 28 -13.41 -10.89 1.45
CA LEU A 28 -13.41 -12.11 2.23
C LEU A 28 -13.37 -11.75 3.72
N VAL A 29 -12.66 -10.66 4.05
CA VAL A 29 -12.54 -10.21 5.44
C VAL A 29 -13.39 -8.95 5.63
N GLY A 30 -13.05 -7.88 4.91
CA GLY A 30 -13.77 -6.62 5.00
C GLY A 30 -15.26 -6.88 4.78
N GLU A 31 -15.60 -8.10 4.33
CA GLU A 31 -16.99 -8.47 4.10
C GLU A 31 -17.78 -8.35 5.40
N ARG A 32 -18.71 -7.37 5.45
CA ARG A 32 -19.53 -7.15 6.62
C ARG A 32 -20.67 -8.16 6.64
N MET B 1 7.47 20.28 -4.66
CA MET B 1 8.43 19.47 -3.94
C MET B 1 8.09 19.46 -2.45
N ASP B 2 7.66 20.61 -1.92
CA ASP B 2 7.30 20.74 -0.53
C ASP B 2 6.30 19.64 -0.16
N ALA B 3 5.40 19.31 -1.11
CA ALA B 3 4.40 18.28 -0.88
C ALA B 3 4.96 16.93 -1.33
N ILE B 4 6.04 16.96 -2.12
CA ILE B 4 6.68 15.74 -2.62
C ILE B 4 7.44 15.07 -1.48
N LYS B 5 8.23 15.87 -0.73
CA LYS B 5 9.01 15.35 0.38
C LYS B 5 8.09 14.62 1.35
N LYS B 6 6.84 15.10 1.47
CA LYS B 6 5.86 14.51 2.37
C LYS B 6 5.11 13.40 1.62
N LYS B 7 5.01 13.54 0.29
CA LYS B 7 4.31 12.56 -0.53
C LYS B 7 4.92 11.18 -0.29
N MET B 8 6.26 11.09 -0.38
CA MET B 8 6.96 9.83 -0.18
C MET B 8 6.76 9.36 1.26
N GLN B 9 6.53 10.32 2.18
CA GLN B 9 6.33 10.01 3.58
C GLN B 9 4.91 9.47 3.78
N MET B 10 4.00 9.83 2.85
CA MET B 10 2.62 9.38 2.92
C MET B 10 2.49 8.02 2.24
N LEU B 11 3.23 7.84 1.13
CA LEU B 11 3.20 6.59 0.38
C LEU B 11 4.03 5.54 1.13
N LYS B 12 5.05 6.00 1.87
CA LYS B 12 5.91 5.10 2.62
C LYS B 12 5.20 4.68 3.91
N LEU B 13 4.36 5.56 4.46
CA LEU B 13 3.62 5.28 5.68
C LEU B 13 2.45 4.36 5.34
N ASP B 14 1.75 4.64 4.23
CA ASP B 14 0.60 3.84 3.81
C ASP B 14 1.09 2.45 3.42
N ASN B 15 2.29 2.35 2.86
CA ASN B 15 2.86 1.08 2.44
C ASN B 15 3.08 0.20 3.67
N TYR B 16 3.75 0.77 4.71
CA TYR B 16 3.99 -0.02 5.90
C TYR B 16 2.65 -0.48 6.49
N HIS B 17 1.62 0.38 6.39
CA HIS B 17 0.30 0.04 6.92
C HIS B 17 -0.36 -0.99 6.01
N LEU B 18 -0.21 -0.82 4.68
CA LEU B 18 -0.79 -1.74 3.72
C LEU B 18 -0.12 -3.10 3.85
N GLU B 19 1.20 -3.10 4.09
CA GLU B 19 1.96 -4.33 4.23
C GLU B 19 1.52 -5.06 5.50
N ASN B 20 1.53 -4.34 6.64
CA ASN B 20 1.13 -4.92 7.92
C ASN B 20 -0.34 -5.33 7.84
N GLU B 21 -1.13 -4.60 7.03
CA GLU B 21 -2.55 -4.89 6.87
C GLU B 21 -2.71 -6.07 5.91
N VAL B 22 -1.81 -6.18 4.93
CA VAL B 22 -1.86 -7.26 3.95
C VAL B 22 -1.32 -8.55 4.59
N ALA B 23 -0.28 -8.40 5.44
CA ALA B 23 0.32 -9.54 6.11
C ALA B 23 -0.67 -10.12 7.11
N ARG B 24 -1.65 -9.31 7.53
CA ARG B 24 -2.66 -9.75 8.48
C ARG B 24 -3.89 -10.28 7.72
N LEU B 25 -4.12 -9.74 6.51
CA LEU B 25 -5.24 -10.16 5.69
C LEU B 25 -4.86 -11.44 4.94
N LYS B 26 -3.61 -11.52 4.47
CA LYS B 26 -3.13 -12.68 3.74
C LYS B 26 -3.27 -13.93 4.62
N LYS B 27 -3.27 -13.72 5.95
CA LYS B 27 -3.40 -14.82 6.89
C LYS B 27 -4.86 -15.26 6.97
N LEU B 28 -5.77 -14.43 6.42
CA LEU B 28 -7.19 -14.73 6.43
C LEU B 28 -7.64 -15.10 5.01
N VAL B 29 -6.98 -14.49 3.99
CA VAL B 29 -7.31 -14.75 2.60
C VAL B 29 -6.19 -15.57 1.96
N GLY B 30 -4.99 -14.97 1.86
CA GLY B 30 -3.84 -15.64 1.28
C GLY B 30 -3.63 -16.98 1.98
N GLU B 31 -4.36 -17.21 3.09
CA GLU B 31 -4.25 -18.44 3.85
C GLU B 31 -4.59 -19.62 2.93
N ARG B 32 -3.59 -20.48 2.67
CA ARG B 32 -3.78 -21.65 1.81
C ARG B 32 -5.09 -22.34 2.19
N MET A 1 15.71 15.15 -5.75
CA MET A 1 14.33 15.29 -6.19
C MET A 1 14.11 14.41 -7.42
N ASP A 2 15.10 14.40 -8.34
CA ASP A 2 15.01 13.61 -9.56
C ASP A 2 14.65 12.16 -9.20
N ALA A 3 15.15 11.68 -8.05
CA ALA A 3 14.87 10.33 -7.59
C ALA A 3 13.62 10.34 -6.71
N ILE A 4 13.20 11.53 -6.27
CA ILE A 4 12.04 11.68 -5.42
C ILE A 4 10.78 11.58 -6.28
N LYS A 5 10.78 12.29 -7.43
CA LYS A 5 9.63 12.28 -8.33
C LYS A 5 9.27 10.84 -8.68
N LYS A 6 10.30 9.97 -8.80
CA LYS A 6 10.09 8.57 -9.13
C LYS A 6 9.83 7.79 -7.84
N LYS A 7 10.45 8.23 -6.74
CA LYS A 7 10.29 7.57 -5.45
C LYS A 7 8.81 7.40 -5.16
N MET A 8 8.01 8.46 -5.40
CA MET A 8 6.57 8.42 -5.16
C MET A 8 5.90 7.61 -6.25
N GLN A 9 6.58 7.47 -7.41
CA GLN A 9 6.04 6.72 -8.53
C GLN A 9 6.12 5.23 -8.22
N MET A 10 7.13 4.83 -7.43
CA MET A 10 7.31 3.43 -7.06
C MET A 10 6.35 3.09 -5.91
N LEU A 11 6.11 4.06 -5.01
CA LEU A 11 5.23 3.86 -3.88
C LEU A 11 3.78 3.95 -4.35
N LYS A 12 3.54 4.70 -5.44
CA LYS A 12 2.21 4.87 -5.98
C LYS A 12 1.80 3.59 -6.74
N LEU A 13 2.78 2.97 -7.41
CA LEU A 13 2.52 1.75 -8.16
C LEU A 13 2.29 0.59 -7.19
N ASP A 14 3.10 0.54 -6.11
CA ASP A 14 2.99 -0.51 -5.11
C ASP A 14 1.67 -0.35 -4.36
N ASN A 15 1.25 0.91 -4.14
CA ASN A 15 0.01 1.20 -3.43
C ASN A 15 -1.16 0.60 -4.22
N TYR A 16 -1.22 0.88 -5.53
CA TYR A 16 -2.31 0.34 -6.33
C TYR A 16 -2.19 -1.18 -6.37
N HIS A 17 -0.97 -1.70 -6.43
CA HIS A 17 -0.73 -3.14 -6.49
C HIS A 17 -1.12 -3.77 -5.16
N LEU A 18 -0.91 -3.01 -4.06
CA LEU A 18 -1.23 -3.50 -2.72
C LEU A 18 -2.75 -3.41 -2.51
N GLU A 19 -3.32 -2.23 -2.80
CA GLU A 19 -4.76 -2.00 -2.63
C GLU A 19 -5.52 -3.00 -3.50
N ASN A 20 -4.90 -3.43 -4.62
CA ASN A 20 -5.52 -4.39 -5.52
C ASN A 20 -5.57 -5.76 -4.86
N GLU A 21 -4.63 -6.02 -3.94
CA GLU A 21 -4.57 -7.29 -3.24
C GLU A 21 -5.45 -7.23 -1.99
N VAL A 22 -5.47 -6.06 -1.33
CA VAL A 22 -6.26 -5.86 -0.12
C VAL A 22 -7.73 -5.68 -0.52
N ALA A 23 -7.98 -4.89 -1.58
CA ALA A 23 -9.33 -4.64 -2.05
C ALA A 23 -9.93 -5.95 -2.56
N ARG A 24 -9.08 -6.93 -2.89
CA ARG A 24 -9.53 -8.21 -3.38
C ARG A 24 -9.63 -9.19 -2.22
N LEU A 25 -9.03 -8.84 -1.07
CA LEU A 25 -9.04 -9.69 0.11
C LEU A 25 -10.11 -9.17 1.08
N LYS A 26 -10.27 -7.85 1.16
CA LYS A 26 -11.24 -7.23 2.04
C LYS A 26 -12.64 -7.76 1.69
N LYS A 27 -12.84 -8.15 0.43
CA LYS A 27 -14.12 -8.66 -0.03
C LYS A 27 -14.38 -10.02 0.65
N LEU A 28 -13.35 -10.57 1.29
CA LEU A 28 -13.46 -11.85 1.98
C LEU A 28 -13.45 -11.62 3.49
N VAL A 29 -12.72 -10.59 3.94
CA VAL A 29 -12.62 -10.26 5.34
C VAL A 29 -13.42 -8.98 5.62
N GLY A 30 -12.94 -7.84 5.08
CA GLY A 30 -13.60 -6.56 5.27
C GLY A 30 -15.08 -6.70 4.88
N GLU A 31 -15.44 -7.83 4.25
CA GLU A 31 -16.81 -8.07 3.84
C GLU A 31 -17.72 -8.08 5.06
N ARG A 32 -19.03 -7.94 4.83
CA ARG A 32 -20.01 -7.93 5.92
C ARG A 32 -20.93 -9.14 5.79
N MET B 1 7.28 20.62 -4.41
CA MET B 1 8.32 19.84 -3.75
C MET B 1 7.99 19.71 -2.27
N ASP B 2 7.56 20.81 -1.64
CA ASP B 2 7.22 20.82 -0.23
C ASP B 2 6.20 19.70 0.05
N ALA B 3 5.31 19.44 -0.93
CA ALA B 3 4.30 18.41 -0.79
C ALA B 3 4.86 17.08 -1.31
N ILE B 4 5.95 17.16 -2.09
CA ILE B 4 6.57 15.98 -2.66
C ILE B 4 7.35 15.24 -1.55
N LYS B 5 8.13 15.99 -0.76
CA LYS B 5 8.90 15.41 0.32
C LYS B 5 7.98 14.62 1.25
N LYS B 6 6.73 15.10 1.40
CA LYS B 6 5.75 14.44 2.25
C LYS B 6 4.99 13.40 1.44
N LYS B 7 4.87 13.64 0.11
CA LYS B 7 4.18 12.73 -0.77
C LYS B 7 4.77 11.33 -0.65
N MET B 8 6.11 11.24 -0.71
CA MET B 8 6.81 9.97 -0.60
C MET B 8 6.63 9.41 0.81
N GLN B 9 6.39 10.31 1.79
CA GLN B 9 6.19 9.91 3.17
C GLN B 9 4.77 9.39 3.35
N MET B 10 3.85 9.84 2.48
CA MET B 10 2.46 9.42 2.54
C MET B 10 2.32 8.03 1.90
N LEU B 11 3.04 7.80 0.78
CA LEU B 11 3.00 6.53 0.09
C LEU B 11 3.83 5.50 0.85
N LYS B 12 4.85 5.98 1.59
CA LYS B 12 5.71 5.10 2.36
C LYS B 12 4.98 4.66 3.63
N LEU B 13 4.12 5.54 4.17
CA LEU B 13 3.36 5.23 5.37
C LEU B 13 2.23 4.27 5.02
N ASP B 14 1.51 4.56 3.92
CA ASP B 14 0.40 3.73 3.48
C ASP B 14 0.92 2.34 3.14
N ASN B 15 2.17 2.26 2.64
CA ASN B 15 2.78 0.99 2.28
C ASN B 15 2.93 0.13 3.54
N TYR B 16 3.52 0.70 4.59
CA TYR B 16 3.69 -0.07 5.82
C TYR B 16 2.32 -0.48 6.36
N HIS B 17 1.31 0.37 6.17
CA HIS B 17 -0.04 0.09 6.64
C HIS B 17 -0.67 -0.99 5.76
N LEU B 18 -0.34 -0.97 4.46
CA LEU B 18 -0.88 -1.95 3.53
C LEU B 18 -0.23 -3.32 3.79
N GLU B 19 1.08 -3.30 4.14
CA GLU B 19 1.80 -4.53 4.41
C GLU B 19 1.24 -5.17 5.69
N ASN B 20 1.12 -4.37 6.77
CA ASN B 20 0.60 -4.85 8.03
C ASN B 20 -0.84 -5.32 7.84
N GLU B 21 -1.57 -4.67 6.92
CA GLU B 21 -2.96 -5.02 6.64
C GLU B 21 -2.99 -6.26 5.75
N VAL B 22 -1.96 -6.43 4.91
CA VAL B 22 -1.88 -7.57 4.01
C VAL B 22 -1.42 -8.80 4.79
N ALA B 23 -0.42 -8.62 5.67
CA ALA B 23 0.11 -9.71 6.47
C ALA B 23 -0.94 -10.13 7.50
N ARG B 24 -1.93 -9.25 7.75
CA ARG B 24 -2.99 -9.52 8.71
C ARG B 24 -4.18 -10.13 7.97
N LEU B 25 -4.31 -9.84 6.67
CA LEU B 25 -5.40 -10.34 5.86
C LEU B 25 -5.03 -11.71 5.30
N LYS B 26 -3.74 -11.88 4.91
CA LYS B 26 -3.26 -13.13 4.36
C LYS B 26 -3.36 -14.22 5.43
N LYS B 27 -3.35 -13.81 6.71
CA LYS B 27 -3.44 -14.75 7.81
C LYS B 27 -4.90 -15.15 8.02
N LEU B 28 -5.83 -14.42 7.37
CA LEU B 28 -7.24 -14.69 7.48
C LEU B 28 -7.74 -15.35 6.19
N VAL B 29 -7.14 -14.96 5.05
CA VAL B 29 -7.52 -15.52 3.76
C VAL B 29 -6.40 -16.44 3.26
N GLY B 30 -5.19 -15.88 3.09
CA GLY B 30 -4.05 -16.65 2.62
C GLY B 30 -3.74 -17.75 3.62
N GLU B 31 -4.51 -17.80 4.73
CA GLU B 31 -4.31 -18.79 5.76
C GLU B 31 -4.29 -20.18 5.12
N ARG B 32 -3.84 -21.19 5.89
CA ARG B 32 -3.77 -22.56 5.41
C ARG B 32 -5.07 -22.90 4.66
N MET A 1 15.96 14.99 -6.53
CA MET A 1 14.56 15.17 -6.88
C MET A 1 14.22 14.25 -8.07
N ASP A 2 15.14 14.16 -9.04
CA ASP A 2 14.95 13.33 -10.21
C ASP A 2 14.57 11.91 -9.77
N ALA A 3 15.16 11.46 -8.64
CA ALA A 3 14.89 10.13 -8.11
C ALA A 3 13.70 10.20 -7.15
N ILE A 4 13.34 11.43 -6.73
CA ILE A 4 12.23 11.63 -5.82
C ILE A 4 10.91 11.53 -6.58
N LYS A 5 10.84 12.19 -7.75
CA LYS A 5 9.64 12.16 -8.58
C LYS A 5 9.23 10.72 -8.83
N LYS A 6 10.23 9.82 -8.98
CA LYS A 6 9.97 8.41 -9.22
C LYS A 6 9.76 7.70 -7.89
N LYS A 7 10.44 8.18 -6.84
CA LYS A 7 10.33 7.58 -5.52
C LYS A 7 8.85 7.44 -5.15
N MET A 8 8.07 8.50 -5.42
CA MET A 8 6.65 8.50 -5.12
C MET A 8 5.91 7.66 -6.15
N GLN A 9 6.54 7.44 -7.32
CA GLN A 9 5.95 6.65 -8.39
C GLN A 9 6.05 5.17 -8.03
N MET A 10 7.08 4.80 -7.25
CA MET A 10 7.29 3.42 -6.84
C MET A 10 6.34 3.09 -5.69
N LEU A 11 6.11 4.07 -4.79
CA LEU A 11 5.24 3.89 -3.64
C LEU A 11 3.78 3.96 -4.11
N LYS A 12 3.52 4.72 -5.19
CA LYS A 12 2.19 4.86 -5.72
C LYS A 12 1.81 3.60 -6.50
N LEU A 13 2.81 2.97 -7.14
CA LEU A 13 2.58 1.75 -7.91
C LEU A 13 2.28 0.60 -6.95
N ASP A 14 2.99 0.55 -5.82
CA ASP A 14 2.80 -0.50 -4.83
C ASP A 14 1.45 -0.30 -4.15
N ASN A 15 1.00 0.96 -4.04
CA ASN A 15 -0.27 1.26 -3.41
C ASN A 15 -1.40 0.63 -4.21
N TYR A 16 -1.38 0.84 -5.55
CA TYR A 16 -2.43 0.27 -6.38
C TYR A 16 -2.40 -1.25 -6.25
N HIS A 17 -1.19 -1.84 -6.16
CA HIS A 17 -1.03 -3.28 -6.05
C HIS A 17 -1.50 -3.73 -4.66
N LEU A 18 -1.30 -2.88 -3.65
CA LEU A 18 -1.70 -3.19 -2.28
C LEU A 18 -3.22 -3.03 -2.16
N GLU A 19 -3.76 -1.92 -2.71
CA GLU A 19 -5.18 -1.64 -2.65
C GLU A 19 -5.93 -2.74 -3.41
N ASN A 20 -5.33 -3.24 -4.50
CA ASN A 20 -5.94 -4.29 -5.31
C ASN A 20 -5.95 -5.59 -4.52
N GLU A 21 -4.98 -5.74 -3.59
CA GLU A 21 -4.88 -6.93 -2.78
C GLU A 21 -5.84 -6.84 -1.59
N VAL A 22 -6.03 -5.61 -1.07
CA VAL A 22 -6.92 -5.37 0.05
C VAL A 22 -8.36 -5.35 -0.44
N ALA A 23 -8.60 -4.71 -1.60
CA ALA A 23 -9.93 -4.62 -2.17
C ALA A 23 -10.38 -6.01 -2.64
N ARG A 24 -9.42 -6.93 -2.77
CA ARG A 24 -9.70 -8.29 -3.19
C ARG A 24 -9.81 -9.20 -1.97
N LEU A 25 -9.14 -8.80 -0.87
CA LEU A 25 -9.15 -9.58 0.36
C LEU A 25 -10.34 -9.14 1.21
N LYS A 26 -10.67 -7.84 1.17
CA LYS A 26 -11.77 -7.30 1.93
C LYS A 26 -13.07 -8.00 1.52
N LYS A 27 -13.10 -8.52 0.28
CA LYS A 27 -14.27 -9.21 -0.23
C LYS A 27 -14.31 -10.63 0.34
N LEU A 28 -13.20 -11.06 0.95
CA LEU A 28 -13.10 -12.39 1.53
C LEU A 28 -13.09 -12.28 3.06
N VAL A 29 -12.48 -11.20 3.57
CA VAL A 29 -12.40 -10.97 5.01
C VAL A 29 -13.30 -9.79 5.38
N GLY A 30 -13.00 -8.59 4.84
CA GLY A 30 -13.78 -7.41 5.12
C GLY A 30 -15.26 -7.68 4.83
N GLU A 31 -15.54 -8.85 4.21
CA GLU A 31 -16.90 -9.23 3.90
C GLU A 31 -17.72 -9.30 5.18
N ARG A 32 -19.06 -9.22 5.04
CA ARG A 32 -19.96 -9.27 6.19
C ARG A 32 -19.95 -10.69 6.77
N MET B 1 7.97 20.74 -4.19
CA MET B 1 8.75 19.72 -3.50
C MET B 1 8.30 19.64 -2.04
N ASP B 2 7.95 20.79 -1.45
CA ASP B 2 7.51 20.86 -0.07
C ASP B 2 6.45 19.77 0.17
N ALA B 3 5.74 19.39 -0.90
CA ALA B 3 4.70 18.36 -0.80
C ALA B 3 5.26 17.04 -1.33
N ILE B 4 6.33 17.11 -2.14
CA ILE B 4 6.95 15.92 -2.70
C ILE B 4 7.70 15.17 -1.61
N LYS B 5 8.45 15.92 -0.78
CA LYS B 5 9.21 15.33 0.31
C LYS B 5 8.27 14.58 1.26
N LYS B 6 7.03 15.09 1.39
CA LYS B 6 6.04 14.48 2.26
C LYS B 6 5.24 13.45 1.46
N LYS B 7 5.13 13.66 0.14
CA LYS B 7 4.40 12.75 -0.73
C LYS B 7 5.00 11.34 -0.61
N MET B 8 6.34 11.26 -0.74
CA MET B 8 7.02 9.98 -0.65
C MET B 8 6.83 9.39 0.75
N GLN B 9 6.58 10.27 1.73
CA GLN B 9 6.39 9.85 3.11
C GLN B 9 4.93 9.41 3.30
N MET B 10 4.03 9.90 2.42
CA MET B 10 2.63 9.56 2.50
C MET B 10 2.41 8.18 1.87
N LEU B 11 3.16 7.87 0.80
CA LEU B 11 3.05 6.59 0.12
C LEU B 11 3.78 5.52 0.94
N LYS B 12 4.81 5.94 1.69
CA LYS B 12 5.59 5.03 2.52
C LYS B 12 4.81 4.70 3.79
N LEU B 13 4.12 5.71 4.35
CA LEU B 13 3.34 5.53 5.57
C LEU B 13 2.15 4.61 5.27
N ASP B 14 1.52 4.81 4.10
CA ASP B 14 0.37 4.02 3.69
C ASP B 14 0.83 2.58 3.41
N ASN B 15 2.08 2.43 2.94
CA ASN B 15 2.65 1.12 2.64
C ASN B 15 2.72 0.30 3.92
N TYR B 16 3.27 0.89 4.99
CA TYR B 16 3.38 0.15 6.24
C TYR B 16 1.99 -0.29 6.69
N HIS B 17 0.98 0.58 6.51
CA HIS B 17 -0.38 0.27 6.91
C HIS B 17 -0.96 -0.79 5.96
N LEU B 18 -0.63 -0.68 4.66
CA LEU B 18 -1.11 -1.62 3.67
C LEU B 18 -0.43 -2.97 3.89
N GLU B 19 0.85 -2.95 4.27
CA GLU B 19 1.61 -4.17 4.51
C GLU B 19 1.08 -4.84 5.78
N ASN B 20 0.98 -4.07 6.88
CA ASN B 20 0.49 -4.59 8.14
C ASN B 20 -0.95 -5.08 7.98
N GLU B 21 -1.69 -4.44 7.05
CA GLU B 21 -3.08 -4.81 6.79
C GLU B 21 -3.10 -6.02 5.87
N VAL B 22 -2.12 -6.11 4.95
CA VAL B 22 -2.04 -7.21 4.02
C VAL B 22 -1.49 -8.46 4.73
N ALA B 23 -0.53 -8.24 5.65
CA ALA B 23 0.07 -9.33 6.39
C ALA B 23 -0.95 -9.89 7.38
N ARG B 24 -1.99 -9.10 7.70
CA ARG B 24 -3.03 -9.51 8.61
C ARG B 24 -4.15 -10.20 7.83
N LEU B 25 -4.31 -9.83 6.55
CA LEU B 25 -5.33 -10.41 5.70
C LEU B 25 -4.80 -11.69 5.06
N LYS B 26 -3.51 -11.66 4.65
CA LYS B 26 -2.87 -12.81 4.03
C LYS B 26 -2.85 -13.97 5.02
N LYS B 27 -2.86 -13.65 6.33
CA LYS B 27 -2.84 -14.67 7.37
C LYS B 27 -4.24 -15.22 7.57
N LEU B 28 -5.25 -14.57 6.95
CA LEU B 28 -6.63 -15.02 7.05
C LEU B 28 -7.04 -15.69 5.74
N VAL B 29 -6.53 -15.18 4.61
CA VAL B 29 -6.84 -15.73 3.31
C VAL B 29 -5.63 -16.48 2.76
N GLY B 30 -4.53 -15.74 2.50
CA GLY B 30 -3.31 -16.33 1.98
C GLY B 30 -2.84 -17.44 2.92
N GLU B 31 -3.53 -17.58 4.07
CA GLU B 31 -3.19 -18.60 5.05
C GLU B 31 -3.56 -19.97 4.50
N ARG B 32 -2.55 -20.86 4.36
CA ARG B 32 -2.78 -22.20 3.84
C ARG B 32 -3.82 -22.91 4.71
N MET A 1 16.01 14.96 -6.07
CA MET A 1 14.65 15.16 -6.52
C MET A 1 14.38 14.25 -7.73
N ASP A 2 15.37 14.13 -8.63
CA ASP A 2 15.22 13.29 -9.81
C ASP A 2 14.79 11.89 -9.38
N ALA A 3 15.28 11.43 -8.21
CA ALA A 3 14.94 10.11 -7.71
C ALA A 3 13.70 10.21 -6.82
N ILE A 4 13.33 11.45 -6.44
CA ILE A 4 12.18 11.69 -5.60
C ILE A 4 10.91 11.58 -6.45
N LYS A 5 10.91 12.22 -7.63
CA LYS A 5 9.78 12.19 -8.53
C LYS A 5 9.40 10.73 -8.82
N LYS A 6 10.41 9.85 -8.88
CA LYS A 6 10.17 8.44 -9.14
C LYS A 6 9.89 7.72 -7.83
N LYS A 7 10.52 8.19 -6.74
CA LYS A 7 10.33 7.59 -5.42
C LYS A 7 8.83 7.50 -5.11
N MET A 8 8.11 8.62 -5.30
CA MET A 8 6.68 8.66 -5.05
C MET A 8 5.96 7.81 -6.08
N GLN A 9 6.57 7.65 -7.27
CA GLN A 9 5.98 6.87 -8.34
C GLN A 9 6.10 5.38 -8.00
N MET A 10 7.10 5.03 -7.18
CA MET A 10 7.32 3.64 -6.78
C MET A 10 6.34 3.28 -5.66
N LEU A 11 6.10 4.22 -4.73
CA LEU A 11 5.20 4.00 -3.63
C LEU A 11 3.75 4.14 -4.12
N LYS A 12 3.55 4.92 -5.19
CA LYS A 12 2.23 5.13 -5.76
C LYS A 12 1.83 3.90 -6.56
N LEU A 13 2.82 3.21 -7.14
CA LEU A 13 2.57 2.01 -7.93
C LEU A 13 2.28 0.84 -7.00
N ASP A 14 3.04 0.74 -5.91
CA ASP A 14 2.87 -0.33 -4.93
C ASP A 14 1.53 -0.16 -4.24
N ASN A 15 1.08 1.09 -4.08
CA ASN A 15 -0.19 1.39 -3.43
C ASN A 15 -1.33 0.77 -4.24
N TYR A 16 -1.33 1.01 -5.56
CA TYR A 16 -2.39 0.45 -6.39
C TYR A 16 -2.33 -1.08 -6.31
N HIS A 17 -1.12 -1.65 -6.25
CA HIS A 17 -0.94 -3.09 -6.18
C HIS A 17 -1.38 -3.59 -4.80
N LEU A 18 -1.15 -2.76 -3.76
CA LEU A 18 -1.52 -3.11 -2.41
C LEU A 18 -3.03 -2.95 -2.24
N GLU A 19 -3.58 -1.84 -2.74
CA GLU A 19 -5.00 -1.56 -2.64
C GLU A 19 -5.79 -2.64 -3.39
N ASN A 20 -5.21 -3.12 -4.51
CA ASN A 20 -5.85 -4.14 -5.32
C ASN A 20 -5.82 -5.47 -4.56
N GLU A 21 -4.82 -5.63 -3.67
CA GLU A 21 -4.68 -6.85 -2.88
C GLU A 21 -5.58 -6.76 -1.65
N VAL A 22 -5.68 -5.56 -1.06
CA VAL A 22 -6.52 -5.35 0.11
C VAL A 22 -7.98 -5.26 -0.31
N ALA A 23 -8.24 -4.63 -1.47
CA ALA A 23 -9.60 -4.49 -1.99
C ALA A 23 -10.14 -5.87 -2.36
N ARG A 24 -9.24 -6.82 -2.66
CA ARG A 24 -9.63 -8.16 -3.02
C ARG A 24 -9.76 -9.02 -1.76
N LEU A 25 -8.97 -8.67 -0.73
CA LEU A 25 -9.00 -9.40 0.52
C LEU A 25 -10.17 -8.90 1.38
N LYS A 26 -10.43 -7.58 1.33
CA LYS A 26 -11.50 -6.98 2.10
C LYS A 26 -12.83 -7.63 1.69
N LYS A 27 -12.88 -8.21 0.48
CA LYS A 27 -14.08 -8.85 -0.02
C LYS A 27 -14.19 -10.25 0.61
N LEU A 28 -13.13 -10.69 1.29
CA LEU A 28 -13.11 -12.00 1.93
C LEU A 28 -13.10 -11.82 3.45
N VAL A 29 -12.41 -10.77 3.94
CA VAL A 29 -12.33 -10.49 5.36
C VAL A 29 -13.13 -9.22 5.67
N GLY A 30 -12.76 -8.10 5.02
CA GLY A 30 -13.44 -6.83 5.22
C GLY A 30 -14.94 -7.02 4.97
N GLU A 31 -15.33 -8.21 4.49
CA GLU A 31 -16.72 -8.51 4.20
C GLU A 31 -17.44 -8.86 5.51
N ARG A 32 -18.25 -7.91 6.02
CA ARG A 32 -18.99 -8.12 7.26
C ARG A 32 -19.60 -9.52 7.26
N MET B 1 7.59 20.57 -4.36
CA MET B 1 8.60 19.69 -3.79
C MET B 1 8.34 19.54 -2.29
N ASP B 2 7.98 20.65 -1.63
CA ASP B 2 7.70 20.65 -0.20
C ASP B 2 6.67 19.56 0.12
N ALA B 3 5.73 19.33 -0.82
CA ALA B 3 4.70 18.32 -0.64
C ALA B 3 5.18 17.00 -1.25
N ILE B 4 6.25 17.06 -2.06
CA ILE B 4 6.80 15.88 -2.71
C ILE B 4 7.55 15.04 -1.66
N LYS B 5 8.40 15.70 -0.85
CA LYS B 5 9.16 15.02 0.18
C LYS B 5 8.20 14.31 1.13
N LYS B 6 7.01 14.89 1.33
CA LYS B 6 6.00 14.32 2.21
C LYS B 6 5.16 13.29 1.44
N LYS B 7 5.03 13.52 0.12
CA LYS B 7 4.25 12.64 -0.74
C LYS B 7 4.78 11.21 -0.59
N MET B 8 6.12 11.06 -0.64
CA MET B 8 6.76 9.76 -0.52
C MET B 8 6.59 9.25 0.91
N GLN B 9 6.37 10.16 1.85
CA GLN B 9 6.19 9.81 3.25
C GLN B 9 4.75 9.35 3.49
N MET B 10 3.83 9.81 2.62
CA MET B 10 2.43 9.46 2.73
C MET B 10 2.21 8.08 2.10
N LEU B 11 2.91 7.81 0.98
CA LEU B 11 2.80 6.55 0.29
C LEU B 11 3.59 5.47 1.04
N LYS B 12 4.61 5.90 1.80
CA LYS B 12 5.44 5.00 2.57
C LYS B 12 4.69 4.57 3.84
N LEU B 13 3.95 5.53 4.43
CA LEU B 13 3.20 5.25 5.64
C LEU B 13 2.02 4.33 5.32
N ASP B 14 1.33 4.62 4.19
CA ASP B 14 0.19 3.81 3.77
C ASP B 14 0.67 2.39 3.46
N ASN B 15 1.90 2.27 2.92
CA ASN B 15 2.46 0.98 2.57
C ASN B 15 2.56 0.11 3.84
N TYR B 16 3.13 0.68 4.91
CA TYR B 16 3.25 -0.08 6.14
C TYR B 16 1.88 -0.57 6.58
N HIS B 17 0.86 0.31 6.49
CA HIS B 17 -0.49 -0.05 6.88
C HIS B 17 -1.03 -1.11 5.93
N LEU B 18 -0.77 -0.95 4.62
CA LEU B 18 -1.23 -1.89 3.62
C LEU B 18 -0.52 -3.23 3.83
N GLU B 19 0.76 -3.19 4.21
CA GLU B 19 1.54 -4.39 4.44
C GLU B 19 1.01 -5.11 5.68
N ASN B 20 0.90 -4.37 6.80
CA ASN B 20 0.40 -4.94 8.04
C ASN B 20 -1.03 -5.44 7.83
N GLU B 21 -1.78 -4.75 6.97
CA GLU B 21 -3.16 -5.12 6.68
C GLU B 21 -3.18 -6.32 5.74
N VAL B 22 -2.16 -6.41 4.86
CA VAL B 22 -2.06 -7.51 3.91
C VAL B 22 -1.51 -8.74 4.62
N ALA B 23 -0.56 -8.53 5.56
CA ALA B 23 0.04 -9.62 6.30
C ALA B 23 -1.00 -10.21 7.26
N ARG B 24 -2.04 -9.41 7.59
CA ARG B 24 -3.09 -9.86 8.49
C ARG B 24 -4.20 -10.52 7.68
N LEU B 25 -4.39 -10.08 6.43
CA LEU B 25 -5.42 -10.63 5.55
C LEU B 25 -4.89 -11.91 4.91
N LYS B 26 -3.60 -11.92 4.54
CA LYS B 26 -2.98 -13.07 3.91
C LYS B 26 -3.09 -14.28 4.86
N LYS B 27 -3.26 -14.00 6.16
CA LYS B 27 -3.37 -15.05 7.16
C LYS B 27 -4.78 -15.65 7.11
N LEU B 28 -5.69 -14.99 6.35
CA LEU B 28 -7.06 -15.45 6.22
C LEU B 28 -7.30 -15.94 4.80
N VAL B 29 -6.67 -15.27 3.82
CA VAL B 29 -6.82 -15.63 2.42
C VAL B 29 -5.50 -16.24 1.92
N GLY B 30 -4.41 -15.46 2.00
CA GLY B 30 -3.10 -15.90 1.56
C GLY B 30 -2.75 -17.21 2.29
N GLU B 31 -3.61 -17.63 3.23
CA GLU B 31 -3.38 -18.84 3.99
C GLU B 31 -3.65 -20.05 3.10
N ARG B 32 -3.51 -19.87 1.77
CA ARG B 32 -3.73 -20.93 0.81
C ARG B 32 -2.39 -21.45 0.30
N MET A 1 16.00 14.70 -5.72
CA MET A 1 14.68 14.88 -6.30
C MET A 1 14.49 13.89 -7.45
N ASP A 2 15.55 13.68 -8.25
CA ASP A 2 15.51 12.76 -9.37
C ASP A 2 15.00 11.40 -8.89
N ALA A 3 15.38 11.02 -7.66
CA ALA A 3 14.96 9.75 -7.09
C ALA A 3 13.65 9.95 -6.32
N ILE A 4 13.29 11.21 -6.06
CA ILE A 4 12.07 11.54 -5.34
C ILE A 4 10.88 11.39 -6.29
N LYS A 5 11.01 11.95 -7.50
CA LYS A 5 9.95 11.88 -8.49
C LYS A 5 9.56 10.43 -8.72
N LYS A 6 10.55 9.52 -8.65
CA LYS A 6 10.31 8.10 -8.85
C LYS A 6 9.88 7.46 -7.53
N LYS A 7 10.39 8.01 -6.41
CA LYS A 7 10.08 7.50 -5.08
C LYS A 7 8.55 7.43 -4.93
N MET A 8 7.87 8.55 -5.20
CA MET A 8 6.42 8.61 -5.09
C MET A 8 5.79 7.73 -6.16
N GLN A 9 6.50 7.55 -7.29
CA GLN A 9 6.02 6.74 -8.40
C GLN A 9 6.17 5.26 -8.03
N MET A 10 7.12 4.95 -7.14
CA MET A 10 7.37 3.58 -6.70
C MET A 10 6.35 3.21 -5.62
N LEU A 11 6.08 4.14 -4.70
CA LEU A 11 5.13 3.91 -3.62
C LEU A 11 3.71 4.06 -4.15
N LYS A 12 3.56 4.84 -5.24
CA LYS A 12 2.25 5.08 -5.83
C LYS A 12 1.84 3.84 -6.64
N LEU A 13 2.84 3.14 -7.21
CA LEU A 13 2.59 1.94 -8.00
C LEU A 13 2.28 0.77 -7.06
N ASP A 14 3.07 0.65 -5.97
CA ASP A 14 2.88 -0.41 -5.00
C ASP A 14 1.55 -0.23 -4.29
N ASN A 15 1.12 1.04 -4.14
CA ASN A 15 -0.14 1.35 -3.48
C ASN A 15 -1.30 0.73 -4.27
N TYR A 16 -1.31 0.97 -5.59
CA TYR A 16 -2.39 0.41 -6.39
C TYR A 16 -2.36 -1.11 -6.29
N HIS A 17 -1.15 -1.70 -6.23
CA HIS A 17 -0.99 -3.14 -6.14
C HIS A 17 -1.42 -3.61 -4.74
N LEU A 18 -1.16 -2.77 -3.72
CA LEU A 18 -1.53 -3.09 -2.35
C LEU A 18 -3.02 -2.89 -2.16
N GLU A 19 -3.55 -1.75 -2.66
CA GLU A 19 -4.96 -1.43 -2.54
C GLU A 19 -5.78 -2.46 -3.32
N ASN A 20 -5.26 -2.90 -4.47
CA ASN A 20 -5.93 -3.89 -5.31
C ASN A 20 -5.93 -5.24 -4.58
N GLU A 21 -4.91 -5.47 -3.74
CA GLU A 21 -4.80 -6.72 -3.00
C GLU A 21 -5.66 -6.63 -1.73
N VAL A 22 -5.68 -5.45 -1.09
CA VAL A 22 -6.45 -5.24 0.12
C VAL A 22 -7.93 -5.08 -0.25
N ALA A 23 -8.20 -4.36 -1.36
CA ALA A 23 -9.55 -4.13 -1.82
C ALA A 23 -10.17 -5.46 -2.27
N ARG A 24 -9.32 -6.43 -2.62
CA ARG A 24 -9.78 -7.74 -3.06
C ARG A 24 -9.90 -8.66 -1.84
N LEU A 25 -9.09 -8.41 -0.79
CA LEU A 25 -9.12 -9.20 0.41
C LEU A 25 -10.21 -8.69 1.34
N LYS A 26 -10.40 -7.35 1.37
CA LYS A 26 -11.40 -6.73 2.21
C LYS A 26 -12.78 -7.29 1.85
N LYS A 27 -12.94 -7.74 0.59
CA LYS A 27 -14.19 -8.29 0.12
C LYS A 27 -14.32 -9.74 0.59
N LEU A 28 -13.21 -10.30 1.11
CA LEU A 28 -13.20 -11.66 1.60
C LEU A 28 -13.13 -11.65 3.13
N VAL A 29 -12.43 -10.66 3.69
CA VAL A 29 -12.29 -10.55 5.14
C VAL A 29 -13.07 -9.32 5.61
N GLY A 30 -12.66 -8.13 5.16
CA GLY A 30 -13.32 -6.89 5.54
C GLY A 30 -14.82 -7.01 5.26
N GLU A 31 -15.22 -8.09 4.57
CA GLU A 31 -16.62 -8.31 4.23
C GLU A 31 -17.44 -8.37 5.52
N ARG A 32 -18.75 -8.08 5.40
CA ARG A 32 -19.65 -8.09 6.54
C ARG A 32 -20.03 -9.54 6.87
N MET B 1 7.26 20.53 -4.58
CA MET B 1 8.10 19.55 -3.88
C MET B 1 7.69 19.49 -2.41
N ASP B 2 7.33 20.66 -1.84
CA ASP B 2 6.93 20.74 -0.45
C ASP B 2 5.91 19.64 -0.15
N ALA B 3 5.17 19.20 -1.19
CA ALA B 3 4.17 18.15 -1.05
C ALA B 3 4.74 16.83 -1.58
N ILE B 4 5.79 16.92 -2.41
CA ILE B 4 6.41 15.74 -2.98
C ILE B 4 7.24 15.04 -1.90
N LYS B 5 7.98 15.82 -1.10
CA LYS B 5 8.80 15.27 -0.03
C LYS B 5 7.91 14.52 0.97
N LYS B 6 6.66 15.00 1.12
CA LYS B 6 5.71 14.38 2.04
C LYS B 6 4.92 13.30 1.30
N LYS B 7 4.79 13.46 -0.03
CA LYS B 7 4.05 12.51 -0.85
C LYS B 7 4.65 11.11 -0.65
N MET B 8 5.98 11.00 -0.79
CA MET B 8 6.67 9.73 -0.62
C MET B 8 6.51 9.25 0.82
N GLN B 9 6.32 10.22 1.76
CA GLN B 9 6.16 9.89 3.16
C GLN B 9 4.71 9.43 3.41
N MET B 10 3.79 9.85 2.53
CA MET B 10 2.39 9.48 2.66
C MET B 10 2.18 8.08 2.10
N LEU B 11 2.82 7.78 0.95
CA LEU B 11 2.70 6.48 0.33
C LEU B 11 3.59 5.48 1.06
N LYS B 12 4.65 5.98 1.73
CA LYS B 12 5.57 5.14 2.47
C LYS B 12 4.91 4.69 3.77
N LEU B 13 4.05 5.56 4.35
CA LEU B 13 3.37 5.25 5.59
C LEU B 13 2.22 4.28 5.30
N ASP B 14 1.46 4.55 4.23
CA ASP B 14 0.34 3.70 3.84
C ASP B 14 0.86 2.31 3.47
N ASN B 15 2.08 2.25 2.90
CA ASN B 15 2.68 1.00 2.49
C ASN B 15 2.86 0.10 3.73
N TYR B 16 3.46 0.67 4.80
CA TYR B 16 3.66 -0.12 6.00
C TYR B 16 2.31 -0.60 6.52
N HIS B 17 1.28 0.26 6.41
CA HIS B 17 -0.06 -0.09 6.89
C HIS B 17 -0.67 -1.13 5.96
N LEU B 18 -0.45 -0.98 4.64
CA LEU B 18 -0.98 -1.91 3.66
C LEU B 18 -0.29 -3.26 3.81
N GLU B 19 1.03 -3.24 4.11
CA GLU B 19 1.80 -4.45 4.28
C GLU B 19 1.31 -5.19 5.52
N ASN B 20 1.26 -4.49 6.67
CA ASN B 20 0.81 -5.07 7.92
C ASN B 20 -0.64 -5.52 7.77
N GLU B 21 -1.41 -4.82 6.91
CA GLU B 21 -2.81 -5.15 6.68
C GLU B 21 -2.89 -6.33 5.71
N VAL B 22 -1.92 -6.42 4.78
CA VAL B 22 -1.90 -7.50 3.80
C VAL B 22 -1.37 -8.77 4.47
N ALA B 23 -0.36 -8.62 5.36
CA ALA B 23 0.22 -9.75 6.06
C ALA B 23 -0.79 -10.31 7.05
N ARG B 24 -1.78 -9.48 7.43
CA ARG B 24 -2.80 -9.89 8.38
C ARG B 24 -3.98 -10.51 7.61
N LEU B 25 -4.15 -10.10 6.35
CA LEU B 25 -5.22 -10.61 5.51
C LEU B 25 -4.77 -11.92 4.84
N LYS B 26 -3.50 -11.95 4.41
CA LYS B 26 -2.94 -13.12 3.76
C LYS B 26 -2.97 -14.30 4.72
N LYS B 27 -2.94 -14.01 6.04
CA LYS B 27 -2.97 -15.04 7.06
C LYS B 27 -4.41 -15.51 7.27
N LEU B 28 -5.37 -14.77 6.69
CA LEU B 28 -6.77 -15.11 6.81
C LEU B 28 -7.29 -15.66 5.48
N VAL B 29 -6.75 -15.13 4.37
CA VAL B 29 -7.14 -15.57 3.04
C VAL B 29 -5.99 -16.35 2.40
N GLY B 30 -4.86 -15.67 2.16
CA GLY B 30 -3.70 -16.28 1.56
C GLY B 30 -3.31 -17.53 2.36
N GLU B 31 -3.96 -17.71 3.52
CA GLU B 31 -3.70 -18.86 4.38
C GLU B 31 -3.97 -20.15 3.60
N ARG B 32 -2.91 -20.74 3.02
CA ARG B 32 -3.04 -21.97 2.25
C ARG B 32 -3.94 -22.94 3.01
N MET A 1 16.08 14.43 -5.78
CA MET A 1 14.75 14.60 -6.34
C MET A 1 14.54 13.59 -7.48
N ASP A 2 15.60 13.38 -8.28
CA ASP A 2 15.54 12.45 -9.40
C ASP A 2 15.03 11.10 -8.91
N ALA A 3 15.49 10.68 -7.72
CA ALA A 3 15.09 9.42 -7.14
C ALA A 3 13.79 9.62 -6.35
N ILE A 4 13.44 10.88 -6.06
CA ILE A 4 12.23 11.20 -5.33
C ILE A 4 11.03 11.09 -6.26
N LYS A 5 11.15 11.66 -7.47
CA LYS A 5 10.07 11.63 -8.45
C LYS A 5 9.62 10.17 -8.66
N LYS A 6 10.58 9.23 -8.59
CA LYS A 6 10.28 7.82 -8.76
C LYS A 6 9.82 7.23 -7.42
N LYS A 7 10.37 7.77 -6.32
CA LYS A 7 10.03 7.30 -4.98
C LYS A 7 8.50 7.28 -4.83
N MET A 8 7.85 8.41 -5.18
CA MET A 8 6.41 8.52 -5.07
C MET A 8 5.75 7.64 -6.14
N GLN A 9 6.48 7.40 -7.25
CA GLN A 9 5.97 6.57 -8.33
C GLN A 9 6.03 5.10 -7.92
N MET A 10 6.97 4.77 -7.02
CA MET A 10 7.12 3.40 -6.54
C MET A 10 6.09 3.12 -5.44
N LEU A 11 5.90 4.10 -4.54
CA LEU A 11 4.95 3.98 -3.44
C LEU A 11 3.54 4.19 -3.98
N LYS A 12 3.42 4.94 -5.08
CA LYS A 12 2.12 5.23 -5.69
C LYS A 12 1.65 4.00 -6.46
N LEU A 13 2.60 3.23 -7.03
CA LEU A 13 2.28 2.04 -7.79
C LEU A 13 2.02 0.89 -6.83
N ASP A 14 2.86 0.74 -5.80
CA ASP A 14 2.71 -0.31 -4.81
C ASP A 14 1.38 -0.13 -4.08
N ASN A 15 0.93 1.12 -3.92
CA ASN A 15 -0.31 1.42 -3.25
C ASN A 15 -1.48 0.82 -4.04
N TYR A 16 -1.52 1.08 -5.35
CA TYR A 16 -2.59 0.54 -6.17
C TYR A 16 -2.52 -0.98 -6.13
N HIS A 17 -1.30 -1.54 -6.15
CA HIS A 17 -1.10 -2.98 -6.14
C HIS A 17 -1.56 -3.54 -4.79
N LEU A 18 -1.38 -2.75 -3.72
CA LEU A 18 -1.77 -3.16 -2.38
C LEU A 18 -3.29 -3.04 -2.24
N GLU A 19 -3.84 -1.90 -2.69
CA GLU A 19 -5.28 -1.66 -2.61
C GLU A 19 -6.00 -2.60 -3.58
N ASN A 20 -5.34 -2.94 -4.70
CA ASN A 20 -5.92 -3.82 -5.70
C ASN A 20 -5.97 -5.25 -5.14
N GLU A 21 -4.97 -5.60 -4.31
CA GLU A 21 -4.90 -6.93 -3.71
C GLU A 21 -5.82 -6.98 -2.48
N VAL A 22 -5.75 -5.93 -1.65
CA VAL A 22 -6.57 -5.85 -0.45
C VAL A 22 -8.05 -5.77 -0.85
N ALA A 23 -8.32 -5.12 -1.98
CA ALA A 23 -9.68 -4.96 -2.48
C ALA A 23 -10.31 -6.34 -2.67
N ARG A 24 -9.46 -7.38 -2.80
CA ARG A 24 -9.93 -8.74 -3.00
C ARG A 24 -10.07 -9.43 -1.63
N LEU A 25 -9.11 -9.17 -0.72
CA LEU A 25 -9.13 -9.76 0.61
C LEU A 25 -10.22 -9.08 1.44
N LYS A 26 -10.36 -7.75 1.28
CA LYS A 26 -11.35 -6.98 2.02
C LYS A 26 -12.75 -7.53 1.71
N LYS A 27 -12.92 -8.09 0.49
CA LYS A 27 -14.19 -8.65 0.08
C LYS A 27 -14.32 -10.07 0.64
N LEU A 28 -13.21 -10.63 1.12
CA LEU A 28 -13.19 -11.98 1.68
C LEU A 28 -13.13 -11.89 3.20
N VAL A 29 -12.48 -10.83 3.72
CA VAL A 29 -12.35 -10.63 5.16
C VAL A 29 -13.17 -9.41 5.58
N GLY A 30 -12.85 -8.24 4.99
CA GLY A 30 -13.55 -7.01 5.30
C GLY A 30 -15.02 -7.15 4.90
N GLU A 31 -15.39 -8.33 4.37
CA GLU A 31 -16.76 -8.58 3.95
C GLU A 31 -17.73 -8.04 5.00
N ARG A 32 -18.90 -7.56 4.54
CA ARG A 32 -19.90 -7.02 5.44
C ARG A 32 -20.05 -7.94 6.65
N MET B 1 8.16 20.25 -4.80
CA MET B 1 9.03 19.36 -4.04
C MET B 1 8.59 19.35 -2.58
N ASP B 2 8.24 20.52 -2.04
CA ASP B 2 7.80 20.65 -0.66
C ASP B 2 6.71 19.61 -0.37
N ALA B 3 5.85 19.36 -1.38
CA ALA B 3 4.77 18.40 -1.24
C ALA B 3 5.26 17.01 -1.67
N ILE B 4 6.39 16.98 -2.40
CA ILE B 4 6.97 15.73 -2.87
C ILE B 4 7.64 15.01 -1.70
N LYS B 5 8.45 15.76 -0.92
CA LYS B 5 9.14 15.19 0.23
C LYS B 5 8.13 14.51 1.15
N LYS B 6 6.91 15.07 1.23
CA LYS B 6 5.86 14.52 2.07
C LYS B 6 5.08 13.47 1.28
N LYS B 7 5.04 13.63 -0.06
CA LYS B 7 4.31 12.71 -0.92
C LYS B 7 4.82 11.28 -0.67
N MET B 8 6.15 11.11 -0.69
CA MET B 8 6.76 9.80 -0.46
C MET B 8 6.50 9.37 0.98
N GLN B 9 6.29 10.35 1.88
CA GLN B 9 6.03 10.07 3.28
C GLN B 9 4.58 9.65 3.45
N MET B 10 3.71 10.07 2.51
CA MET B 10 2.30 9.73 2.56
C MET B 10 2.08 8.34 1.99
N LEU B 11 2.77 8.03 0.87
CA LEU B 11 2.66 6.74 0.23
C LEU B 11 3.49 5.71 1.01
N LYS B 12 4.54 6.19 1.72
CA LYS B 12 5.40 5.33 2.50
C LYS B 12 4.68 4.93 3.79
N LEU B 13 3.86 5.85 4.33
CA LEU B 13 3.12 5.59 5.55
C LEU B 13 1.98 4.63 5.27
N ASP B 14 1.25 4.87 4.16
CA ASP B 14 0.13 4.02 3.78
C ASP B 14 0.64 2.61 3.48
N ASN B 15 1.87 2.52 2.94
CA ASN B 15 2.48 1.24 2.62
C ASN B 15 2.68 0.43 3.89
N TYR B 16 3.25 1.08 4.93
CA TYR B 16 3.47 0.36 6.17
C TYR B 16 2.13 -0.18 6.69
N HIS B 17 1.05 0.62 6.55
CA HIS B 17 -0.26 0.23 7.02
C HIS B 17 -0.81 -0.87 6.10
N LEU B 18 -0.61 -0.70 4.78
CA LEU B 18 -1.09 -1.66 3.79
C LEU B 18 -0.36 -2.99 4.00
N GLU B 19 0.94 -2.93 4.34
CA GLU B 19 1.73 -4.12 4.56
C GLU B 19 1.22 -4.85 5.80
N ASN B 20 1.08 -4.11 6.92
CA ASN B 20 0.61 -4.68 8.16
C ASN B 20 -0.82 -5.21 7.97
N GLU B 21 -1.59 -4.53 7.08
CA GLU B 21 -2.96 -4.93 6.81
C GLU B 21 -2.96 -6.13 5.86
N VAL B 22 -1.96 -6.20 4.96
CA VAL B 22 -1.84 -7.29 4.01
C VAL B 22 -1.25 -8.51 4.71
N ALA B 23 -0.30 -8.28 5.64
CA ALA B 23 0.34 -9.36 6.38
C ALA B 23 -0.69 -9.99 7.32
N ARG B 24 -1.82 -9.30 7.55
CA ARG B 24 -2.86 -9.80 8.42
C ARG B 24 -3.97 -10.43 7.58
N LEU B 25 -4.20 -9.87 6.38
CA LEU B 25 -5.22 -10.37 5.47
C LEU B 25 -4.71 -11.63 4.77
N LYS B 26 -3.42 -11.61 4.39
CA LYS B 26 -2.81 -12.74 3.70
C LYS B 26 -2.76 -13.94 4.65
N LYS B 27 -2.82 -13.66 5.97
CA LYS B 27 -2.78 -14.71 6.98
C LYS B 27 -4.20 -15.24 7.21
N LEU B 28 -5.20 -14.54 6.64
CA LEU B 28 -6.59 -14.94 6.79
C LEU B 28 -7.08 -15.56 5.48
N VAL B 29 -6.61 -15.02 4.34
CA VAL B 29 -7.01 -15.52 3.03
C VAL B 29 -5.85 -16.31 2.44
N GLY B 30 -4.76 -15.62 2.08
CA GLY B 30 -3.59 -16.25 1.49
C GLY B 30 -3.08 -17.35 2.43
N GLU B 31 -3.65 -17.40 3.66
CA GLU B 31 -3.26 -18.39 4.64
C GLU B 31 -3.74 -19.77 4.18
N ARG B 32 -2.78 -20.68 3.93
CA ARG B 32 -3.10 -22.02 3.50
C ARG B 32 -4.26 -22.57 4.34
N MET A 1 16.37 14.21 -6.05
CA MET A 1 15.06 14.68 -6.47
C MET A 1 14.59 13.87 -7.68
N ASP A 2 15.51 13.62 -8.63
CA ASP A 2 15.20 12.87 -9.82
C ASP A 2 14.59 11.52 -9.43
N ALA A 3 15.02 10.98 -8.28
CA ALA A 3 14.52 9.70 -7.79
C ALA A 3 13.34 9.95 -6.84
N ILE A 4 13.18 11.21 -6.41
CA ILE A 4 12.10 11.58 -5.50
C ILE A 4 10.77 11.57 -6.27
N LYS A 5 10.75 12.20 -7.45
CA LYS A 5 9.56 12.26 -8.27
C LYS A 5 9.10 10.84 -8.60
N LYS A 6 10.06 9.91 -8.73
CA LYS A 6 9.75 8.53 -9.04
C LYS A 6 9.47 7.77 -7.75
N LYS A 7 10.14 8.17 -6.65
CA LYS A 7 9.96 7.53 -5.36
C LYS A 7 8.45 7.44 -5.05
N MET A 8 7.72 8.53 -5.29
CA MET A 8 6.29 8.57 -5.04
C MET A 8 5.57 7.76 -6.11
N GLN A 9 6.23 7.56 -7.27
CA GLN A 9 5.66 6.81 -8.36
C GLN A 9 5.73 5.31 -8.06
N MET A 10 6.76 4.91 -7.28
CA MET A 10 6.95 3.52 -6.92
C MET A 10 6.02 3.17 -5.75
N LEU A 11 5.81 4.14 -4.85
CA LEU A 11 4.94 3.93 -3.70
C LEU A 11 3.49 4.00 -4.13
N LYS A 12 3.22 4.75 -5.22
CA LYS A 12 1.87 4.91 -5.74
C LYS A 12 1.49 3.64 -6.51
N LEU A 13 2.48 3.04 -7.22
CA LEU A 13 2.25 1.84 -8.00
C LEU A 13 2.01 0.66 -7.05
N ASP A 14 2.80 0.59 -5.96
CA ASP A 14 2.67 -0.48 -4.99
C ASP A 14 1.35 -0.32 -4.23
N ASN A 15 0.90 0.93 -4.08
CA ASN A 15 -0.34 1.22 -3.38
C ASN A 15 -1.51 0.57 -4.13
N TYR A 16 -1.58 0.79 -5.45
CA TYR A 16 -2.67 0.21 -6.21
C TYR A 16 -2.55 -1.31 -6.17
N HIS A 17 -1.32 -1.83 -6.23
CA HIS A 17 -1.07 -3.26 -6.21
C HIS A 17 -1.49 -3.82 -4.84
N LEU A 18 -1.31 -3.02 -3.78
CA LEU A 18 -1.66 -3.44 -2.43
C LEU A 18 -3.17 -3.33 -2.25
N GLU A 19 -3.75 -2.18 -2.63
CA GLU A 19 -5.18 -1.95 -2.51
C GLU A 19 -5.92 -2.90 -3.46
N ASN A 20 -5.24 -3.32 -4.54
CA ASN A 20 -5.83 -4.22 -5.52
C ASN A 20 -5.90 -5.62 -4.93
N GLU A 21 -4.94 -5.95 -4.04
CA GLU A 21 -4.90 -7.26 -3.40
C GLU A 21 -5.83 -7.27 -2.19
N VAL A 22 -5.74 -6.21 -1.36
CA VAL A 22 -6.56 -6.10 -0.17
C VAL A 22 -8.03 -6.02 -0.58
N ALA A 23 -8.30 -5.46 -1.76
CA ALA A 23 -9.66 -5.33 -2.27
C ALA A 23 -10.22 -6.72 -2.55
N ARG A 24 -9.33 -7.72 -2.71
CA ARG A 24 -9.73 -9.09 -2.99
C ARG A 24 -9.88 -9.84 -1.67
N LEU A 25 -8.94 -9.63 -0.73
CA LEU A 25 -8.95 -10.29 0.56
C LEU A 25 -10.08 -9.70 1.41
N LYS A 26 -10.25 -8.36 1.35
CA LYS A 26 -11.28 -7.68 2.11
C LYS A 26 -12.65 -8.24 1.72
N LYS A 27 -12.79 -8.62 0.43
CA LYS A 27 -14.04 -9.17 -0.07
C LYS A 27 -14.30 -10.52 0.58
N LEU A 28 -13.28 -11.07 1.27
CA LEU A 28 -13.40 -12.36 1.93
C LEU A 28 -13.39 -12.15 3.45
N VAL A 29 -12.64 -11.13 3.91
CA VAL A 29 -12.56 -10.82 5.33
C VAL A 29 -13.40 -9.58 5.63
N GLY A 30 -12.96 -8.42 5.11
CA GLY A 30 -13.66 -7.17 5.32
C GLY A 30 -15.14 -7.34 4.94
N GLU A 31 -15.46 -8.48 4.29
CA GLU A 31 -16.83 -8.76 3.88
C GLU A 31 -17.74 -8.69 5.10
N ARG A 32 -18.39 -7.54 5.30
CA ARG A 32 -19.30 -7.35 6.42
C ARG A 32 -20.32 -8.50 6.46
N MET B 1 8.05 20.54 -4.48
CA MET B 1 9.08 19.76 -3.84
C MET B 1 8.79 19.65 -2.35
N ASP B 2 8.44 20.79 -1.72
CA ASP B 2 8.14 20.84 -0.30
C ASP B 2 7.07 19.78 0.02
N ALA B 3 6.06 19.64 -0.86
CA ALA B 3 5.00 18.68 -0.68
C ALA B 3 5.46 17.31 -1.18
N ILE B 4 6.52 17.30 -2.01
CA ILE B 4 7.05 16.06 -2.55
C ILE B 4 7.80 15.30 -1.44
N LYS B 5 8.64 16.01 -0.68
CA LYS B 5 9.40 15.40 0.40
C LYS B 5 8.44 14.67 1.35
N LYS B 6 7.23 15.23 1.51
CA LYS B 6 6.22 14.63 2.38
C LYS B 6 5.36 13.66 1.57
N LYS B 7 5.26 13.91 0.25
CA LYS B 7 4.47 13.06 -0.63
C LYS B 7 4.96 11.63 -0.53
N MET B 8 6.29 11.43 -0.65
CA MET B 8 6.89 10.10 -0.57
C MET B 8 6.71 9.55 0.85
N GLN B 9 6.55 10.46 1.83
CA GLN B 9 6.37 10.07 3.22
C GLN B 9 4.93 9.62 3.43
N MET B 10 4.01 10.10 2.58
CA MET B 10 2.60 9.75 2.67
C MET B 10 2.38 8.38 2.01
N LEU B 11 3.05 8.15 0.87
CA LEU B 11 2.92 6.90 0.15
C LEU B 11 3.75 5.82 0.85
N LYS B 12 4.78 6.24 1.60
CA LYS B 12 5.65 5.32 2.32
C LYS B 12 4.94 4.86 3.59
N LEU B 13 4.13 5.76 4.18
CA LEU B 13 3.40 5.44 5.40
C LEU B 13 2.23 4.52 5.07
N ASP B 14 1.51 4.83 3.97
CA ASP B 14 0.38 4.03 3.53
C ASP B 14 0.85 2.61 3.20
N ASN B 15 2.08 2.50 2.67
CA ASN B 15 2.65 1.22 2.32
C ASN B 15 2.81 0.36 3.58
N TYR B 16 3.41 0.94 4.63
CA TYR B 16 3.59 0.19 5.85
C TYR B 16 2.23 -0.27 6.38
N HIS B 17 1.21 0.58 6.24
CA HIS B 17 -0.13 0.26 6.70
C HIS B 17 -0.74 -0.81 5.80
N LEU B 18 -0.49 -0.69 4.49
CA LEU B 18 -1.02 -1.64 3.52
C LEU B 18 -0.33 -3.00 3.71
N GLU B 19 0.99 -2.97 4.01
CA GLU B 19 1.76 -4.17 4.22
C GLU B 19 1.28 -4.86 5.50
N ASN B 20 1.22 -4.09 6.61
CA ASN B 20 0.79 -4.60 7.89
C ASN B 20 -0.66 -5.07 7.79
N GLU B 21 -1.45 -4.40 6.91
CA GLU B 21 -2.85 -4.76 6.72
C GLU B 21 -2.94 -5.96 5.79
N VAL B 22 -1.99 -6.08 4.85
CA VAL B 22 -1.96 -7.19 3.91
C VAL B 22 -1.43 -8.45 4.61
N ALA B 23 -0.41 -8.25 5.48
CA ALA B 23 0.18 -9.36 6.21
C ALA B 23 -0.81 -9.89 7.24
N ARG B 24 -1.81 -9.05 7.61
CA ARG B 24 -2.81 -9.43 8.59
C ARG B 24 -4.01 -10.05 7.86
N LEU B 25 -4.21 -9.66 6.59
CA LEU B 25 -5.31 -10.18 5.79
C LEU B 25 -4.87 -11.49 5.12
N LYS B 26 -3.59 -11.55 4.69
CA LYS B 26 -3.06 -12.72 4.04
C LYS B 26 -3.04 -13.88 5.03
N LYS B 27 -2.98 -13.57 6.34
CA LYS B 27 -2.96 -14.58 7.38
C LYS B 27 -4.38 -15.10 7.61
N LEU B 28 -5.38 -14.41 7.03
CA LEU B 28 -6.77 -14.79 7.17
C LEU B 28 -7.28 -15.35 5.85
N VAL B 29 -6.77 -14.81 4.72
CA VAL B 29 -7.17 -15.25 3.40
C VAL B 29 -6.02 -16.04 2.77
N GLY B 30 -4.89 -15.36 2.50
CA GLY B 30 -3.73 -15.99 1.90
C GLY B 30 -3.35 -17.22 2.73
N GLU B 31 -3.97 -17.38 3.90
CA GLU B 31 -3.70 -18.50 4.78
C GLU B 31 -4.03 -19.81 4.05
N ARG B 32 -3.01 -20.69 3.91
CA ARG B 32 -3.19 -21.96 3.24
C ARG B 32 -4.50 -22.60 3.70
N MET A 1 15.72 15.16 -6.16
CA MET A 1 14.34 15.25 -6.60
C MET A 1 14.12 14.30 -7.78
N ASP A 2 15.10 14.23 -8.69
CA ASP A 2 15.00 13.36 -9.85
C ASP A 2 14.62 11.95 -9.40
N ALA A 3 15.12 11.54 -8.22
CA ALA A 3 14.82 10.22 -7.69
C ALA A 3 13.57 10.30 -6.79
N ILE A 4 13.19 11.53 -6.41
CA ILE A 4 12.03 11.75 -5.57
C ILE A 4 10.76 11.61 -6.41
N LYS A 5 10.75 12.25 -7.59
CA LYS A 5 9.60 12.20 -8.48
C LYS A 5 9.25 10.73 -8.77
N LYS A 6 10.28 9.87 -8.84
CA LYS A 6 10.08 8.45 -9.11
C LYS A 6 9.82 7.73 -7.78
N LYS A 7 10.42 8.22 -6.69
CA LYS A 7 10.26 7.63 -5.37
C LYS A 7 8.78 7.45 -5.08
N MET A 8 7.99 8.53 -5.30
CA MET A 8 6.55 8.48 -5.05
C MET A 8 5.88 7.62 -6.12
N GLN A 9 6.53 7.50 -7.29
CA GLN A 9 5.99 6.70 -8.38
C GLN A 9 6.16 5.22 -8.05
N MET A 10 7.18 4.89 -7.24
CA MET A 10 7.44 3.51 -6.85
C MET A 10 6.47 3.11 -5.74
N LEU A 11 6.18 4.05 -4.83
CA LEU A 11 5.27 3.79 -3.72
C LEU A 11 3.83 3.84 -4.22
N LYS A 12 3.59 4.61 -5.30
CA LYS A 12 2.27 4.74 -5.87
C LYS A 12 1.93 3.48 -6.67
N LEU A 13 2.96 2.86 -7.29
CA LEU A 13 2.78 1.66 -8.07
C LEU A 13 2.48 0.48 -7.13
N ASP A 14 3.21 0.41 -6.00
CA ASP A 14 3.02 -0.65 -5.03
C ASP A 14 1.67 -0.47 -4.32
N ASN A 15 1.23 0.80 -4.20
CA ASN A 15 -0.05 1.10 -3.56
C ASN A 15 -1.18 0.49 -4.38
N TYR A 16 -1.18 0.74 -5.69
CA TYR A 16 -2.24 0.19 -6.52
C TYR A 16 -2.22 -1.34 -6.43
N HIS A 17 -1.01 -1.92 -6.33
CA HIS A 17 -0.87 -3.37 -6.25
C HIS A 17 -1.32 -3.84 -4.87
N LEU A 18 -1.09 -3.01 -3.84
CA LEU A 18 -1.48 -3.34 -2.47
C LEU A 18 -2.99 -3.13 -2.32
N GLU A 19 -3.51 -2.03 -2.88
CA GLU A 19 -4.93 -1.73 -2.79
C GLU A 19 -5.72 -2.79 -3.56
N ASN A 20 -5.16 -3.26 -4.69
CA ASN A 20 -5.81 -4.27 -5.50
C ASN A 20 -5.86 -5.59 -4.73
N GLU A 21 -4.89 -5.80 -3.83
CA GLU A 21 -4.82 -7.00 -3.03
C GLU A 21 -5.72 -6.85 -1.80
N VAL A 22 -5.76 -5.63 -1.22
CA VAL A 22 -6.58 -5.35 -0.06
C VAL A 22 -8.04 -5.22 -0.49
N ALA A 23 -8.28 -4.56 -1.64
CA ALA A 23 -9.62 -4.37 -2.16
C ALA A 23 -10.21 -5.72 -2.55
N ARG A 24 -9.34 -6.71 -2.78
CA ARG A 24 -9.77 -8.04 -3.16
C ARG A 24 -9.92 -8.91 -1.91
N LEU A 25 -9.12 -8.61 -0.87
CA LEU A 25 -9.17 -9.36 0.37
C LEU A 25 -10.30 -8.81 1.25
N LYS A 26 -10.49 -7.48 1.22
CA LYS A 26 -11.54 -6.84 2.00
C LYS A 26 -12.90 -7.44 1.64
N LYS A 27 -13.01 -7.96 0.40
CA LYS A 27 -14.24 -8.57 -0.07
C LYS A 27 -14.36 -9.98 0.49
N LEU A 28 -13.24 -10.52 1.01
CA LEU A 28 -13.20 -11.86 1.56
C LEU A 28 -13.22 -11.78 3.09
N VAL A 29 -12.55 -10.75 3.65
CA VAL A 29 -12.48 -10.55 5.09
C VAL A 29 -13.33 -9.33 5.47
N GLY A 30 -12.94 -8.15 4.97
CA GLY A 30 -13.66 -6.91 5.26
C GLY A 30 -15.12 -7.07 4.82
N GLU A 31 -15.44 -8.23 4.22
CA GLU A 31 -16.79 -8.49 3.74
C GLU A 31 -17.80 -8.02 4.80
N ARG A 32 -18.89 -7.37 4.35
CA ARG A 32 -19.92 -6.87 5.24
C ARG A 32 -20.46 -8.03 6.09
N MET B 1 7.87 20.52 -4.21
CA MET B 1 8.81 19.66 -3.53
C MET B 1 8.42 19.54 -2.05
N ASP B 2 8.03 20.67 -1.44
CA ASP B 2 7.64 20.69 -0.05
C ASP B 2 6.58 19.61 0.20
N ALA B 3 5.62 19.50 -0.73
CA ALA B 3 4.55 18.50 -0.61
C ALA B 3 5.06 17.16 -1.14
N ILE B 4 6.16 17.19 -1.89
CA ILE B 4 6.74 15.96 -2.45
C ILE B 4 7.48 15.20 -1.35
N LYS B 5 8.28 15.93 -0.54
CA LYS B 5 9.02 15.32 0.54
C LYS B 5 8.06 14.53 1.44
N LYS B 6 6.83 15.04 1.59
CA LYS B 6 5.83 14.39 2.41
C LYS B 6 5.05 13.39 1.57
N LYS B 7 4.99 13.63 0.24
CA LYS B 7 4.28 12.76 -0.68
C LYS B 7 4.82 11.34 -0.55
N MET B 8 6.16 11.20 -0.67
CA MET B 8 6.81 9.90 -0.57
C MET B 8 6.61 9.34 0.83
N GLN B 9 6.38 10.23 1.82
CA GLN B 9 6.18 9.83 3.19
C GLN B 9 4.74 9.33 3.36
N MET B 10 3.83 9.78 2.48
CA MET B 10 2.43 9.38 2.54
C MET B 10 2.28 8.01 1.88
N LEU B 11 3.01 7.79 0.77
CA LEU B 11 2.95 6.52 0.06
C LEU B 11 3.77 5.48 0.81
N LYS B 12 4.78 5.94 1.57
CA LYS B 12 5.63 5.04 2.34
C LYS B 12 4.90 4.61 3.62
N LEU B 13 4.08 5.52 4.17
CA LEU B 13 3.33 5.25 5.39
C LEU B 13 2.17 4.31 5.06
N ASP B 14 1.47 4.58 3.95
CA ASP B 14 0.34 3.77 3.53
C ASP B 14 0.83 2.35 3.22
N ASN B 15 2.06 2.24 2.70
CA ASN B 15 2.64 0.95 2.36
C ASN B 15 2.77 0.10 3.64
N TYR B 16 3.35 0.70 4.69
CA TYR B 16 3.51 -0.05 5.93
C TYR B 16 2.13 -0.49 6.43
N HIS B 17 1.12 0.40 6.31
CA HIS B 17 -0.22 0.10 6.77
C HIS B 17 -0.81 -1.01 5.88
N LEU B 18 -0.57 -0.92 4.55
CA LEU B 18 -1.07 -1.90 3.61
C LEU B 18 -0.39 -3.24 3.86
N GLU B 19 0.91 -3.21 4.18
CA GLU B 19 1.68 -4.41 4.44
C GLU B 19 1.15 -5.08 5.71
N ASN B 20 1.06 -4.30 6.80
CA ASN B 20 0.58 -4.81 8.08
C ASN B 20 -0.87 -5.29 7.92
N GLU B 21 -1.62 -4.62 7.03
CA GLU B 21 -3.01 -4.97 6.78
C GLU B 21 -3.07 -6.20 5.88
N VAL B 22 -2.07 -6.34 4.98
CA VAL B 22 -2.01 -7.46 4.07
C VAL B 22 -1.48 -8.70 4.82
N ALA B 23 -0.53 -8.48 5.74
CA ALA B 23 0.04 -9.56 6.52
C ALA B 23 -1.02 -10.12 7.47
N ARG B 24 -2.06 -9.32 7.74
CA ARG B 24 -3.13 -9.74 8.64
C ARG B 24 -4.24 -10.41 7.82
N LEU B 25 -4.40 -9.97 6.55
CA LEU B 25 -5.42 -10.52 5.67
C LEU B 25 -4.90 -11.84 5.07
N LYS B 26 -3.61 -11.87 4.71
CA LYS B 26 -3.00 -13.05 4.12
C LYS B 26 -3.07 -14.20 5.13
N LYS B 27 -3.08 -13.86 6.42
CA LYS B 27 -3.14 -14.86 7.48
C LYS B 27 -4.59 -15.34 7.64
N LEU B 28 -5.54 -14.59 7.05
CA LEU B 28 -6.95 -14.94 7.12
C LEU B 28 -7.39 -15.57 5.80
N VAL B 29 -6.80 -15.08 4.68
CA VAL B 29 -7.13 -15.58 3.36
C VAL B 29 -5.94 -16.39 2.82
N GLY B 30 -4.81 -15.70 2.62
CA GLY B 30 -3.60 -16.34 2.11
C GLY B 30 -3.23 -17.52 3.01
N GLU B 31 -3.98 -17.69 4.12
CA GLU B 31 -3.73 -18.78 5.05
C GLU B 31 -3.49 -20.07 4.27
N ARG B 32 -2.81 -21.04 4.90
CA ARG B 32 -2.51 -22.31 4.27
C ARG B 32 -3.22 -23.43 5.03
N MET A 1 16.05 14.62 -5.93
CA MET A 1 14.72 14.82 -6.48
C MET A 1 14.47 13.84 -7.62
N ASP A 2 15.53 13.53 -8.40
CA ASP A 2 15.43 12.60 -9.51
C ASP A 2 14.82 11.29 -9.01
N ALA A 3 15.50 10.63 -8.06
CA ALA A 3 15.03 9.37 -7.51
C ALA A 3 13.77 9.61 -6.69
N ILE A 4 13.52 10.90 -6.34
CA ILE A 4 12.35 11.27 -5.56
C ILE A 4 11.11 11.21 -6.45
N LYS A 5 11.20 11.80 -7.65
CA LYS A 5 10.09 11.82 -8.59
C LYS A 5 9.59 10.38 -8.81
N LYS A 6 10.52 9.41 -8.79
CA LYS A 6 10.18 8.01 -8.98
C LYS A 6 9.85 7.38 -7.64
N LYS A 7 10.50 7.86 -6.57
CA LYS A 7 10.28 7.35 -5.23
C LYS A 7 8.77 7.34 -4.94
N MET A 8 8.10 8.46 -5.23
CA MET A 8 6.66 8.58 -5.00
C MET A 8 5.92 7.73 -6.04
N GLN A 9 6.57 7.47 -7.18
CA GLN A 9 5.97 6.68 -8.24
C GLN A 9 6.00 5.21 -7.85
N MET A 10 7.00 4.82 -7.04
CA MET A 10 7.14 3.45 -6.59
C MET A 10 6.16 3.17 -5.45
N LEU A 11 5.99 4.19 -4.57
CA LEU A 11 5.08 4.06 -3.43
C LEU A 11 3.64 4.22 -3.92
N LYS A 12 3.45 4.96 -5.02
CA LYS A 12 2.12 5.19 -5.58
C LYS A 12 1.69 3.96 -6.38
N LEU A 13 2.67 3.28 -7.00
CA LEU A 13 2.40 2.09 -7.80
C LEU A 13 2.12 0.91 -6.85
N ASP A 14 2.94 0.79 -5.79
CA ASP A 14 2.79 -0.28 -4.83
C ASP A 14 1.45 -0.13 -4.11
N ASN A 15 1.00 1.12 -3.91
CA ASN A 15 -0.25 1.41 -3.25
C ASN A 15 -1.40 0.79 -4.04
N TYR A 16 -1.43 1.06 -5.36
CA TYR A 16 -2.50 0.51 -6.18
C TYR A 16 -2.43 -1.02 -6.13
N HIS A 17 -1.22 -1.57 -6.14
CA HIS A 17 -1.02 -3.01 -6.11
C HIS A 17 -1.49 -3.56 -4.76
N LEU A 18 -1.32 -2.75 -3.70
CA LEU A 18 -1.73 -3.15 -2.36
C LEU A 18 -3.25 -3.04 -2.24
N GLU A 19 -3.80 -1.88 -2.63
CA GLU A 19 -5.24 -1.65 -2.56
C GLU A 19 -5.94 -2.59 -3.53
N ASN A 20 -5.22 -3.04 -4.58
CA ASN A 20 -5.78 -3.93 -5.57
C ASN A 20 -5.88 -5.34 -4.98
N GLU A 21 -4.97 -5.67 -4.04
CA GLU A 21 -4.96 -6.98 -3.40
C GLU A 21 -5.97 -6.99 -2.25
N VAL A 22 -5.95 -5.93 -1.43
CA VAL A 22 -6.86 -5.82 -0.30
C VAL A 22 -8.30 -5.81 -0.81
N ALA A 23 -8.50 -5.24 -2.01
CA ALA A 23 -9.82 -5.14 -2.61
C ALA A 23 -10.39 -6.56 -2.80
N ARG A 24 -9.51 -7.56 -2.82
CA ARG A 24 -9.91 -8.94 -2.98
C ARG A 24 -10.10 -9.59 -1.61
N LEU A 25 -9.18 -9.28 -0.66
CA LEU A 25 -9.24 -9.82 0.67
C LEU A 25 -10.43 -9.21 1.41
N LYS A 26 -10.64 -7.89 1.24
CA LYS A 26 -11.74 -7.19 1.89
C LYS A 26 -13.06 -7.79 1.43
N LYS A 27 -13.05 -8.45 0.25
CA LYS A 27 -14.25 -9.07 -0.30
C LYS A 27 -14.44 -10.44 0.34
N LEU A 28 -13.39 -10.96 1.00
CA LEU A 28 -13.45 -12.26 1.65
C LEU A 28 -13.47 -12.05 3.17
N VAL A 29 -12.78 -11.00 3.65
CA VAL A 29 -12.72 -10.70 5.07
C VAL A 29 -13.66 -9.55 5.39
N GLY A 30 -13.37 -8.36 4.83
CA GLY A 30 -14.19 -7.18 5.04
C GLY A 30 -15.60 -7.44 4.52
N GLU A 31 -15.82 -8.64 3.93
CA GLU A 31 -17.12 -9.00 3.39
C GLU A 31 -18.21 -8.58 4.39
N ARG A 32 -19.43 -8.34 3.86
CA ARG A 32 -20.55 -7.93 4.68
C ARG A 32 -20.95 -9.08 5.61
N MET B 1 7.71 20.64 -4.24
CA MET B 1 8.63 19.73 -3.58
C MET B 1 8.23 19.61 -2.10
N ASP B 2 7.82 20.74 -1.49
CA ASP B 2 7.43 20.76 -0.10
C ASP B 2 6.41 19.63 0.15
N ALA B 3 5.56 19.36 -0.85
CA ALA B 3 4.55 18.31 -0.74
C ALA B 3 5.12 17.00 -1.27
N ILE B 4 6.20 17.09 -2.07
CA ILE B 4 6.83 15.92 -2.65
C ILE B 4 7.60 15.17 -1.56
N LYS B 5 8.39 15.92 -0.76
CA LYS B 5 9.17 15.33 0.32
C LYS B 5 8.24 14.57 1.26
N LYS B 6 7.00 15.06 1.41
CA LYS B 6 6.02 14.43 2.28
C LYS B 6 5.25 13.38 1.48
N LYS B 7 5.12 13.59 0.17
CA LYS B 7 4.41 12.67 -0.70
C LYS B 7 4.98 11.26 -0.53
N MET B 8 6.32 11.15 -0.63
CA MET B 8 6.99 9.87 -0.48
C MET B 8 6.83 9.37 0.95
N GLN B 9 6.63 10.31 1.90
CA GLN B 9 6.46 9.96 3.31
C GLN B 9 5.01 9.54 3.54
N MET B 10 4.09 10.00 2.68
CA MET B 10 2.68 9.68 2.80
C MET B 10 2.43 8.29 2.19
N LEU B 11 3.11 7.99 1.07
CA LEU B 11 2.96 6.70 0.41
C LEU B 11 3.76 5.65 1.17
N LYS B 12 4.83 6.08 1.87
CA LYS B 12 5.67 5.18 2.64
C LYS B 12 4.93 4.78 3.91
N LEU B 13 4.13 5.70 4.47
CA LEU B 13 3.38 5.43 5.69
C LEU B 13 2.22 4.49 5.37
N ASP B 14 1.49 4.78 4.28
CA ASP B 14 0.36 3.97 3.87
C ASP B 14 0.85 2.57 3.49
N ASN B 15 2.09 2.48 2.97
CA ASN B 15 2.68 1.22 2.57
C ASN B 15 2.87 0.34 3.81
N TYR B 16 3.48 0.91 4.86
CA TYR B 16 3.70 0.12 6.07
C TYR B 16 2.36 -0.36 6.61
N HIS B 17 1.31 0.47 6.46
CA HIS B 17 -0.01 0.13 6.94
C HIS B 17 -0.64 -0.90 6.01
N LEU B 18 -0.38 -0.76 4.69
CA LEU B 18 -0.91 -1.67 3.70
C LEU B 18 -0.22 -3.03 3.82
N GLU B 19 1.10 -3.00 4.08
CA GLU B 19 1.89 -4.22 4.23
C GLU B 19 1.46 -4.95 5.50
N ASN B 20 1.39 -4.22 6.63
CA ASN B 20 1.00 -4.79 7.90
C ASN B 20 -0.46 -5.26 7.81
N GLU B 21 -1.27 -4.57 6.99
CA GLU B 21 -2.66 -4.92 6.83
C GLU B 21 -2.78 -6.10 5.85
N VAL B 22 -1.88 -6.15 4.85
CA VAL B 22 -1.88 -7.22 3.88
C VAL B 22 -1.28 -8.48 4.49
N ALA B 23 -0.23 -8.30 5.32
CA ALA B 23 0.42 -9.42 5.98
C ALA B 23 -0.51 -10.02 7.04
N ARG B 24 -1.47 -9.21 7.51
CA ARG B 24 -2.43 -9.65 8.52
C ARG B 24 -3.68 -10.17 7.82
N LEU B 25 -3.94 -9.67 6.60
CA LEU B 25 -5.11 -10.08 5.83
C LEU B 25 -4.79 -11.37 5.07
N LYS B 26 -3.56 -11.47 4.54
CA LYS B 26 -3.13 -12.63 3.79
C LYS B 26 -3.21 -13.87 4.70
N LYS B 27 -3.16 -13.65 6.02
CA LYS B 27 -3.23 -14.73 6.99
C LYS B 27 -4.69 -15.19 7.13
N LEU B 28 -5.62 -14.37 6.63
CA LEU B 28 -7.04 -14.68 6.70
C LEU B 28 -7.54 -15.11 5.32
N VAL B 29 -6.96 -14.52 4.26
CA VAL B 29 -7.33 -14.85 2.89
C VAL B 29 -6.25 -15.72 2.26
N GLY B 30 -5.04 -15.16 2.09
CA GLY B 30 -3.93 -15.88 1.50
C GLY B 30 -3.66 -17.14 2.32
N GLU B 31 -4.36 -17.30 3.46
CA GLU B 31 -4.20 -18.45 4.32
C GLU B 31 -4.80 -19.68 3.64
N ARG B 32 -4.02 -20.78 3.59
CA ARG B 32 -4.47 -22.01 2.97
C ARG B 32 -5.76 -22.49 3.65
N MET A 1 15.57 15.46 -6.50
CA MET A 1 14.18 15.54 -6.90
C MET A 1 13.93 14.56 -8.06
N ASP A 2 14.89 14.50 -9.01
CA ASP A 2 14.78 13.62 -10.15
C ASP A 2 14.46 12.19 -9.67
N ALA A 3 15.01 11.82 -8.51
CA ALA A 3 14.79 10.49 -7.93
C ALA A 3 13.56 10.54 -7.02
N ILE A 4 13.14 11.76 -6.65
CA ILE A 4 11.98 11.94 -5.78
C ILE A 4 10.70 11.71 -6.59
N LYS A 5 10.63 12.33 -7.79
CA LYS A 5 9.47 12.20 -8.65
C LYS A 5 9.17 10.72 -8.88
N LYS A 6 10.24 9.89 -8.95
CA LYS A 6 10.10 8.47 -9.16
C LYS A 6 9.89 7.77 -7.82
N LYS A 7 10.45 8.34 -6.76
CA LYS A 7 10.33 7.78 -5.42
C LYS A 7 8.85 7.60 -5.08
N MET A 8 8.05 8.65 -5.29
CA MET A 8 6.62 8.60 -5.02
C MET A 8 5.94 7.70 -6.05
N GLN A 9 6.52 7.63 -7.26
CA GLN A 9 5.96 6.80 -8.33
C GLN A 9 6.20 5.33 -8.01
N MET A 10 7.23 5.05 -7.19
CA MET A 10 7.57 3.69 -6.80
C MET A 10 6.57 3.20 -5.75
N LEU A 11 6.26 4.08 -4.78
CA LEU A 11 5.33 3.74 -3.71
C LEU A 11 3.90 3.83 -4.24
N LYS A 12 3.69 4.67 -5.27
CA LYS A 12 2.37 4.86 -5.86
C LYS A 12 1.97 3.57 -6.61
N LEU A 13 2.95 2.92 -7.24
CA LEU A 13 2.71 1.69 -7.98
C LEU A 13 2.44 0.55 -7.00
N ASP A 14 3.23 0.50 -5.91
CA ASP A 14 3.08 -0.54 -4.90
C ASP A 14 1.74 -0.35 -4.18
N ASN A 15 1.31 0.91 -4.02
CA ASN A 15 0.06 1.22 -3.36
C ASN A 15 -1.09 0.64 -4.18
N TYR A 16 -1.11 0.93 -5.49
CA TYR A 16 -2.18 0.42 -6.32
C TYR A 16 -2.11 -1.11 -6.35
N HIS A 17 -0.88 -1.67 -6.35
CA HIS A 17 -0.69 -3.11 -6.39
C HIS A 17 -1.15 -3.71 -5.06
N LEU A 18 -0.96 -2.95 -3.96
CA LEU A 18 -1.35 -3.41 -2.64
C LEU A 18 -2.88 -3.29 -2.48
N GLU A 19 -3.42 -2.11 -2.86
CA GLU A 19 -4.85 -1.87 -2.76
C GLU A 19 -5.61 -2.94 -3.56
N ASN A 20 -4.97 -3.44 -4.63
CA ASN A 20 -5.57 -4.47 -5.47
C ASN A 20 -5.60 -5.80 -4.72
N GLU A 21 -4.67 -5.95 -3.75
CA GLU A 21 -4.59 -7.17 -2.96
C GLU A 21 -5.56 -7.08 -1.79
N VAL A 22 -5.67 -5.88 -1.18
CA VAL A 22 -6.55 -5.67 -0.05
C VAL A 22 -7.99 -5.54 -0.57
N ALA A 23 -8.18 -4.72 -1.61
CA ALA A 23 -9.50 -4.51 -2.20
C ALA A 23 -10.10 -5.86 -2.61
N ARG A 24 -9.23 -6.88 -2.74
CA ARG A 24 -9.66 -8.21 -3.12
C ARG A 24 -9.74 -9.10 -1.89
N LEU A 25 -9.17 -8.63 -0.76
CA LEU A 25 -9.18 -9.37 0.47
C LEU A 25 -10.31 -8.85 1.38
N LYS A 26 -10.52 -7.52 1.36
CA LYS A 26 -11.56 -6.91 2.17
C LYS A 26 -12.92 -7.50 1.78
N LYS A 27 -13.02 -7.99 0.53
CA LYS A 27 -14.26 -8.57 0.04
C LYS A 27 -14.40 -10.00 0.58
N LEU A 28 -13.30 -10.53 1.16
CA LEU A 28 -13.30 -11.87 1.71
C LEU A 28 -13.36 -11.79 3.23
N VAL A 29 -12.68 -10.78 3.81
CA VAL A 29 -12.66 -10.59 5.25
C VAL A 29 -13.59 -9.43 5.61
N GLY A 30 -13.24 -8.22 5.14
CA GLY A 30 -14.03 -7.02 5.42
C GLY A 30 -15.46 -7.25 4.95
N GLU A 31 -15.70 -8.38 4.25
CA GLU A 31 -17.02 -8.71 3.75
C GLU A 31 -17.93 -9.08 4.92
N ARG A 32 -19.16 -8.52 4.93
CA ARG A 32 -20.12 -8.79 5.98
C ARG A 32 -21.34 -9.51 5.39
N MET B 1 7.54 20.63 -4.29
CA MET B 1 8.49 19.74 -3.65
C MET B 1 8.15 19.64 -2.16
N ASP B 2 7.78 20.77 -1.54
CA ASP B 2 7.44 20.81 -0.13
C ASP B 2 6.39 19.74 0.16
N ALA B 3 5.48 19.51 -0.80
CA ALA B 3 4.44 18.51 -0.65
C ALA B 3 4.93 17.16 -1.18
N ILE B 4 6.03 17.20 -1.97
CA ILE B 4 6.59 15.99 -2.54
C ILE B 4 7.37 15.23 -1.45
N LYS B 5 8.19 15.96 -0.67
CA LYS B 5 8.98 15.37 0.40
C LYS B 5 8.04 14.59 1.33
N LYS B 6 6.81 15.09 1.50
CA LYS B 6 5.83 14.45 2.37
C LYS B 6 5.03 13.42 1.56
N LYS B 7 4.94 13.64 0.24
CA LYS B 7 4.21 12.73 -0.64
C LYS B 7 4.82 11.34 -0.53
N MET B 8 6.15 11.23 -0.70
CA MET B 8 6.84 9.95 -0.62
C MET B 8 6.70 9.39 0.80
N GLN B 9 6.46 10.28 1.78
CA GLN B 9 6.31 9.88 3.17
C GLN B 9 4.88 9.38 3.40
N MET B 10 3.94 9.86 2.57
CA MET B 10 2.55 9.47 2.68
C MET B 10 2.37 8.07 2.10
N LEU B 11 3.11 7.76 1.01
CA LEU B 11 3.03 6.47 0.37
C LEU B 11 3.84 5.45 1.17
N LYS B 12 4.85 5.94 1.92
CA LYS B 12 5.69 5.08 2.74
C LYS B 12 4.88 4.56 3.93
N LEU B 13 4.05 5.45 4.53
CA LEU B 13 3.24 5.09 5.66
C LEU B 13 2.10 4.17 5.20
N ASP B 14 1.45 4.53 4.08
CA ASP B 14 0.35 3.76 3.54
C ASP B 14 0.85 2.35 3.20
N ASN B 15 2.11 2.26 2.72
CA ASN B 15 2.70 0.98 2.35
C ASN B 15 2.86 0.12 3.60
N TYR B 16 3.43 0.70 4.68
CA TYR B 16 3.60 -0.06 5.90
C TYR B 16 2.24 -0.52 6.41
N HIS B 17 1.21 0.34 6.27
CA HIS B 17 -0.13 0.02 6.72
C HIS B 17 -0.73 -1.08 5.83
N LEU B 18 -0.49 -0.97 4.52
CA LEU B 18 -0.99 -1.94 3.56
C LEU B 18 -0.30 -3.28 3.80
N GLU B 19 0.99 -3.25 4.14
CA GLU B 19 1.76 -4.45 4.38
C GLU B 19 1.25 -5.13 5.67
N ASN B 20 1.17 -4.35 6.77
CA ASN B 20 0.70 -4.87 8.04
C ASN B 20 -0.74 -5.34 7.88
N GLU B 21 -1.51 -4.68 7.00
CA GLU B 21 -2.90 -5.03 6.76
C GLU B 21 -2.96 -6.27 5.86
N VAL B 22 -1.97 -6.40 4.96
CA VAL B 22 -1.91 -7.53 4.04
C VAL B 22 -1.38 -8.75 4.79
N ALA B 23 -0.42 -8.54 5.70
CA ALA B 23 0.17 -9.63 6.47
C ALA B 23 -0.88 -10.17 7.45
N ARG B 24 -1.96 -9.39 7.68
CA ARG B 24 -3.02 -9.80 8.58
C ARG B 24 -4.15 -10.43 7.78
N LEU B 25 -4.37 -9.93 6.55
CA LEU B 25 -5.42 -10.45 5.67
C LEU B 25 -4.95 -11.75 5.03
N LYS B 26 -3.65 -11.80 4.66
CA LYS B 26 -3.07 -12.99 4.04
C LYS B 26 -3.12 -14.16 5.02
N LYS B 27 -3.29 -13.85 6.32
CA LYS B 27 -3.35 -14.86 7.36
C LYS B 27 -4.79 -15.38 7.47
N LEU B 28 -5.75 -14.62 6.91
CA LEU B 28 -7.16 -15.00 6.94
C LEU B 28 -7.54 -15.62 5.60
N VAL B 29 -6.95 -15.11 4.51
CA VAL B 29 -7.24 -15.60 3.17
C VAL B 29 -6.05 -16.42 2.67
N GLY B 30 -4.90 -15.75 2.47
CA GLY B 30 -3.70 -16.41 1.99
C GLY B 30 -3.34 -17.56 2.94
N GLU B 31 -4.05 -17.64 4.08
CA GLU B 31 -3.81 -18.68 5.07
C GLU B 31 -3.58 -20.02 4.35
N ARG B 32 -2.32 -20.43 4.24
CA ARG B 32 -1.96 -21.68 3.59
C ARG B 32 -2.79 -22.81 4.18
N MET A 1 15.96 14.93 -6.44
CA MET A 1 14.57 15.12 -6.82
C MET A 1 14.23 14.19 -7.99
N ASP A 2 15.16 14.07 -8.96
CA ASP A 2 14.96 13.22 -10.12
C ASP A 2 14.57 11.82 -9.65
N ALA A 3 15.17 11.36 -8.55
CA ALA A 3 14.88 10.04 -8.01
C ALA A 3 13.70 10.14 -7.06
N ILE A 4 13.34 11.36 -6.65
CA ILE A 4 12.23 11.59 -5.74
C ILE A 4 10.92 11.45 -6.51
N LYS A 5 10.84 12.09 -7.69
CA LYS A 5 9.64 12.04 -8.52
C LYS A 5 9.25 10.58 -8.76
N LYS A 6 10.26 9.70 -8.87
CA LYS A 6 10.02 8.29 -9.10
C LYS A 6 9.79 7.59 -7.75
N LYS A 7 10.43 8.10 -6.69
CA LYS A 7 10.29 7.53 -5.36
C LYS A 7 8.81 7.42 -5.02
N MET A 8 8.06 8.51 -5.23
CA MET A 8 6.63 8.53 -4.94
C MET A 8 5.90 7.66 -5.96
N GLN A 9 6.50 7.48 -7.14
CA GLN A 9 5.91 6.67 -8.20
C GLN A 9 6.06 5.19 -7.85
N MET A 10 7.10 4.87 -7.05
CA MET A 10 7.35 3.50 -6.64
C MET A 10 6.40 3.12 -5.50
N LEU A 11 6.15 4.06 -4.58
CA LEU A 11 5.27 3.84 -3.46
C LEU A 11 3.82 3.95 -3.94
N LYS A 12 3.59 4.71 -5.02
CA LYS A 12 2.26 4.90 -5.56
C LYS A 12 1.84 3.64 -6.34
N LEU A 13 2.83 2.98 -6.97
CA LEU A 13 2.59 1.78 -7.75
C LEU A 13 2.30 0.61 -6.79
N ASP A 14 3.07 0.54 -5.68
CA ASP A 14 2.91 -0.51 -4.70
C ASP A 14 1.57 -0.33 -3.98
N ASN A 15 1.17 0.93 -3.79
CA ASN A 15 -0.09 1.25 -3.11
C ASN A 15 -1.26 0.73 -3.95
N TYR A 16 -1.23 1.02 -5.26
CA TYR A 16 -2.32 0.57 -6.12
C TYR A 16 -2.41 -0.95 -6.04
N HIS A 17 -1.25 -1.63 -5.93
CA HIS A 17 -1.22 -3.08 -5.86
C HIS A 17 -1.74 -3.53 -4.49
N LEU A 18 -1.41 -2.76 -3.43
CA LEU A 18 -1.84 -3.08 -2.08
C LEU A 18 -3.32 -2.72 -1.93
N GLU A 19 -3.81 -1.79 -2.76
CA GLU A 19 -5.19 -1.35 -2.71
C GLU A 19 -6.07 -2.38 -3.45
N ASN A 20 -5.67 -2.73 -4.69
CA ASN A 20 -6.41 -3.69 -5.48
C ASN A 20 -6.24 -5.09 -4.88
N GLU A 21 -5.17 -5.28 -4.10
CA GLU A 21 -4.89 -6.56 -3.48
C GLU A 21 -5.74 -6.69 -2.20
N VAL A 22 -5.91 -5.58 -1.47
CA VAL A 22 -6.69 -5.57 -0.26
C VAL A 22 -8.18 -5.51 -0.61
N ALA A 23 -8.54 -4.68 -1.61
CA ALA A 23 -9.91 -4.54 -2.05
C ALA A 23 -10.42 -5.88 -2.58
N ARG A 24 -9.48 -6.78 -2.93
CA ARG A 24 -9.83 -8.09 -3.45
C ARG A 24 -9.81 -9.11 -2.31
N LEU A 25 -9.24 -8.71 -1.16
CA LEU A 25 -9.16 -9.58 0.01
C LEU A 25 -10.25 -9.20 1.01
N LYS A 26 -10.54 -7.90 1.10
CA LYS A 26 -11.55 -7.39 2.02
C LYS A 26 -12.90 -8.02 1.67
N LYS A 27 -13.06 -8.44 0.40
CA LYS A 27 -14.29 -9.06 -0.05
C LYS A 27 -14.35 -10.50 0.45
N LEU A 28 -13.22 -11.02 0.96
CA LEU A 28 -13.15 -12.37 1.48
C LEU A 28 -13.14 -12.34 3.00
N VAL A 29 -12.52 -11.28 3.58
CA VAL A 29 -12.45 -11.13 5.02
C VAL A 29 -13.35 -9.96 5.46
N GLY A 30 -13.05 -8.75 4.95
CA GLY A 30 -13.83 -7.57 5.28
C GLY A 30 -15.26 -7.76 4.79
N GLU A 31 -15.57 -8.95 4.23
CA GLU A 31 -16.90 -9.24 3.73
C GLU A 31 -17.95 -8.73 4.71
N ARG A 32 -19.17 -8.47 4.22
CA ARG A 32 -20.24 -7.99 5.05
C ARG A 32 -21.37 -9.03 5.11
N MET B 1 7.82 20.34 -4.66
CA MET B 1 8.77 19.47 -3.98
C MET B 1 8.43 19.41 -2.49
N ASP B 2 8.06 20.57 -1.92
CA ASP B 2 7.72 20.65 -0.50
C ASP B 2 6.68 19.58 -0.17
N ALA B 3 5.77 19.32 -1.13
CA ALA B 3 4.72 18.33 -0.93
C ALA B 3 5.23 16.96 -1.40
N ILE B 4 6.31 16.97 -2.20
CA ILE B 4 6.90 15.74 -2.72
C ILE B 4 7.65 15.03 -1.60
N LYS B 5 8.46 15.77 -0.83
CA LYS B 5 9.24 15.22 0.26
C LYS B 5 8.29 14.51 1.24
N LYS B 6 7.05 15.04 1.36
CA LYS B 6 6.05 14.47 2.25
C LYS B 6 5.25 13.41 1.50
N LYS B 7 5.10 13.61 0.18
CA LYS B 7 4.35 12.67 -0.65
C LYS B 7 4.95 11.27 -0.49
N MET B 8 6.28 11.15 -0.63
CA MET B 8 6.96 9.88 -0.51
C MET B 8 6.79 9.35 0.92
N GLN B 9 6.56 10.27 1.88
CA GLN B 9 6.37 9.89 3.27
C GLN B 9 4.94 9.42 3.47
N MET B 10 4.02 9.89 2.61
CA MET B 10 2.61 9.52 2.69
C MET B 10 2.41 8.13 2.08
N LEU B 11 3.10 7.88 0.95
CA LEU B 11 2.99 6.60 0.27
C LEU B 11 3.82 5.56 1.01
N LYS B 12 4.86 6.02 1.73
CA LYS B 12 5.74 5.13 2.48
C LYS B 12 5.03 4.71 3.78
N LEU B 13 4.21 5.62 4.34
CA LEU B 13 3.50 5.34 5.57
C LEU B 13 2.31 4.41 5.27
N ASP B 14 1.55 4.73 4.20
CA ASP B 14 0.42 3.93 3.81
C ASP B 14 0.88 2.51 3.47
N ASN B 15 2.14 2.39 3.00
CA ASN B 15 2.69 1.10 2.64
C ASN B 15 2.84 0.23 3.89
N TYR B 16 3.46 0.81 4.95
CA TYR B 16 3.62 0.04 6.17
C TYR B 16 2.25 -0.40 6.68
N HIS B 17 1.24 0.48 6.55
CA HIS B 17 -0.11 0.18 7.01
C HIS B 17 -0.74 -0.87 6.09
N LEU B 18 -0.50 -0.73 4.78
CA LEU B 18 -1.04 -1.65 3.79
C LEU B 18 -0.43 -3.04 4.01
N GLU B 19 0.89 -3.08 4.27
CA GLU B 19 1.59 -4.33 4.50
C GLU B 19 1.11 -4.95 5.81
N ASN B 20 0.96 -4.11 6.86
CA ASN B 20 0.51 -4.57 8.16
C ASN B 20 -0.94 -5.03 8.05
N GLU B 21 -1.72 -4.39 7.16
CA GLU B 21 -3.12 -4.72 6.97
C GLU B 21 -3.22 -5.94 6.05
N VAL B 22 -2.30 -6.04 5.08
CA VAL B 22 -2.28 -7.15 4.14
C VAL B 22 -1.68 -8.39 4.83
N ALA B 23 -0.77 -8.15 5.78
CA ALA B 23 -0.12 -9.24 6.50
C ALA B 23 -1.16 -10.01 7.31
N ARG B 24 -2.24 -9.31 7.73
CA ARG B 24 -3.30 -9.92 8.49
C ARG B 24 -4.29 -10.61 7.55
N LEU B 25 -4.61 -9.94 6.43
CA LEU B 25 -5.53 -10.49 5.44
C LEU B 25 -4.91 -11.73 4.80
N LYS B 26 -3.60 -11.65 4.48
CA LYS B 26 -2.90 -12.76 3.86
C LYS B 26 -2.84 -13.93 4.85
N LYS B 27 -2.87 -13.62 6.16
CA LYS B 27 -2.82 -14.63 7.19
C LYS B 27 -4.21 -15.25 7.36
N LEU B 28 -5.23 -14.61 6.77
CA LEU B 28 -6.60 -15.10 6.85
C LEU B 28 -7.00 -15.71 5.51
N VAL B 29 -6.50 -15.12 4.41
CA VAL B 29 -6.80 -15.60 3.08
C VAL B 29 -5.56 -16.25 2.47
N GLY B 30 -4.48 -15.46 2.31
CA GLY B 30 -3.24 -15.95 1.74
C GLY B 30 -2.78 -17.19 2.52
N GLU B 31 -3.45 -17.46 3.66
CA GLU B 31 -3.12 -18.61 4.49
C GLU B 31 -3.26 -19.89 3.67
N ARG B 32 -2.50 -20.93 4.05
CA ARG B 32 -2.54 -22.20 3.35
C ARG B 32 -4.00 -22.58 3.07
#